data_5S7X
#
_entry.id   5S7X
#
_cell.length_a   127.106
_cell.length_b   84.549
_cell.length_c   87.723
_cell.angle_alpha   90.000
_cell.angle_beta   130.910
_cell.angle_gamma   90.000
#
_symmetry.space_group_name_H-M   'C 1 2 1'
#
loop_
_entity.id
_entity.type
_entity.pdbx_description
1 polymer 'Activin receptor type-1'
2 non-polymer 4-methyl-3-[4-(1-methylpiperidin-4-yl)phenyl]-5-(3,4,5-trimethoxyphenyl)pyridine
3 non-polymer 1,2-ETHANEDIOL
4 non-polymer 'DIMETHYL SULFOXIDE'
5 non-polymer 'L(+)-TARTARIC ACID'
6 non-polymer PYRIMIDIN-2-AMINE
7 non-polymer 'SULFATE ION'
8 water water
#
_entity_poly.entity_id   1
_entity_poly.type   'polypeptide(L)'
_entity_poly.pdbx_seq_one_letter_code
;SMQRTVARDITLLECVGKGRYGEVWRGSWQGENVAVKIFSSRDEKSWFRETELYNTVMLRHENILGFIASDMTSRHSSTQ
LWLITHYHEMGSLYDYLQLTTLDTVSCLRIVLSIASGLAHLHIEIFGTQGKPAIAHRDLKSKNILVKKNGQCCIADLGLA
VMHSQSTNQLDVGNNPRVGTKRYMAPEVLDETIQVDCFDSYKRVDIWAFGLVLWEVARRMVSNGIVEDYKPPFYDVVPND
PSFEDMRKVVCVDQQRPNIPNRWFSDPTLTSLAKLMKECWYQNPSARLTALRIKKTLTKID
;
_entity_poly.pdbx_strand_id   A,B
#
loop_
_chem_comp.id
_chem_comp.type
_chem_comp.name
_chem_comp.formula
DMS non-polymer 'DIMETHYL SULFOXIDE' 'C2 H6 O S'
EDO non-polymer 1,2-ETHANEDIOL 'C2 H6 O2'
LGA non-polymer PYRIMIDIN-2-AMINE 'C4 H5 N3'
LU8 non-polymer 4-methyl-3-[4-(1-methylpiperidin-4-yl)phenyl]-5-(3,4,5-trimethoxyphenyl)pyridine 'C27 H32 N2 O3'
SO4 non-polymer 'SULFATE ION' 'O4 S -2'
TLA non-polymer 'L(+)-TARTARIC ACID' 'C4 H6 O6'
#
# COMPACT_ATOMS: atom_id res chain seq x y z
N ARG A 4 -12.95 19.55 -35.03
CA ARG A 4 -11.50 19.41 -34.81
C ARG A 4 -10.97 18.19 -35.59
N THR A 5 -9.68 18.15 -35.78
CA THR A 5 -8.93 17.10 -36.51
C THR A 5 -8.64 15.99 -35.51
N VAL A 6 -9.02 14.74 -35.82
CA VAL A 6 -8.62 13.55 -35.04
C VAL A 6 -7.64 12.75 -35.90
N ALA A 7 -6.34 12.96 -35.68
CA ALA A 7 -5.26 12.31 -36.45
C ALA A 7 -5.08 10.92 -35.87
N ARG A 8 -5.77 9.95 -36.45
CA ARG A 8 -5.80 8.57 -35.94
C ARG A 8 -4.63 7.80 -36.49
N ASP A 9 -4.19 8.18 -37.68
CA ASP A 9 -3.31 7.35 -38.50
C ASP A 9 -2.06 6.99 -37.69
N ILE A 10 -1.83 5.70 -37.52
CA ILE A 10 -0.53 5.18 -37.01
C ILE A 10 0.20 4.58 -38.20
N THR A 11 1.47 4.92 -38.39
CA THR A 11 2.36 4.32 -39.40
C THR A 11 3.09 3.12 -38.80
N LEU A 12 2.94 1.95 -39.41
CA LEU A 12 3.71 0.76 -39.01
C LEU A 12 5.08 0.87 -39.65
N LEU A 13 6.15 0.67 -38.89
CA LEU A 13 7.54 0.88 -39.38
C LEU A 13 8.31 -0.42 -39.41
N GLU A 14 8.36 -1.20 -38.33
CA GLU A 14 9.16 -2.45 -38.35
C GLU A 14 8.50 -3.50 -37.46
N CYS A 15 8.48 -4.74 -37.90
CA CYS A 15 7.94 -5.86 -37.12
C CYS A 15 8.98 -6.23 -36.08
N VAL A 16 8.61 -6.28 -34.80
CA VAL A 16 9.53 -6.61 -33.68
C VAL A 16 9.10 -7.93 -33.03
N GLY A 17 8.07 -8.59 -33.55
CA GLY A 17 7.66 -9.88 -33.04
C GLY A 17 6.58 -10.49 -33.87
N LYS A 18 6.63 -11.80 -34.05
CA LYS A 18 5.63 -12.55 -34.83
C LYS A 18 5.45 -13.87 -34.10
N GLY A 19 4.21 -14.31 -33.95
CA GLY A 19 3.90 -15.60 -33.32
C GLY A 19 2.53 -16.07 -33.73
N ARG A 20 2.01 -17.07 -33.03
CA ARG A 20 0.59 -17.52 -33.12
C ARG A 20 -0.34 -16.36 -32.71
N TYR A 21 0.01 -15.51 -31.73
CA TYR A 21 -0.82 -14.35 -31.26
C TYR A 21 -1.12 -13.37 -32.41
N GLY A 22 -0.30 -13.38 -33.47
CA GLY A 22 -0.24 -12.26 -34.42
C GLY A 22 1.15 -11.69 -34.46
N GLU A 23 1.23 -10.37 -34.49
CA GLU A 23 2.51 -9.64 -34.71
C GLU A 23 2.58 -8.41 -33.82
N VAL A 24 3.76 -7.99 -33.38
CA VAL A 24 3.95 -6.64 -32.79
C VAL A 24 4.86 -5.82 -33.68
N TRP A 25 4.49 -4.60 -33.90
CA TRP A 25 5.20 -3.61 -34.72
C TRP A 25 5.60 -2.40 -33.91
N ARG A 26 6.76 -1.84 -34.19
CA ARG A 26 7.06 -0.46 -33.86
C ARG A 26 6.30 0.38 -34.85
N GLY A 27 5.52 1.32 -34.36
CA GLY A 27 4.83 2.27 -35.22
C GLY A 27 5.12 3.66 -34.75
N SER A 28 4.59 4.60 -35.51
CA SER A 28 4.76 6.04 -35.27
C SER A 28 3.39 6.70 -35.25
N TRP A 29 3.20 7.55 -34.26
CA TRP A 29 2.02 8.46 -34.14
C TRP A 29 2.51 9.84 -33.71
N GLN A 30 2.29 10.84 -34.55
CA GLN A 30 2.66 12.24 -34.22
C GLN A 30 4.13 12.31 -33.78
N GLY A 31 5.01 11.58 -34.46
CA GLY A 31 6.46 11.68 -34.27
C GLY A 31 6.99 10.83 -33.11
N GLU A 32 6.12 10.04 -32.45
CA GLU A 32 6.49 9.22 -31.26
C GLU A 32 6.35 7.74 -31.60
N ASN A 33 7.24 6.92 -31.05
CA ASN A 33 7.09 5.46 -31.19
C ASN A 33 5.88 5.01 -30.35
N VAL A 34 5.19 4.08 -30.93
CA VAL A 34 4.16 3.28 -30.23
C VAL A 34 4.39 1.82 -30.63
N ALA A 35 3.90 0.89 -29.82
CA ALA A 35 3.90 -0.53 -30.13
C ALA A 35 2.50 -0.91 -30.60
N VAL A 36 2.39 -1.67 -31.67
CA VAL A 36 1.08 -2.06 -32.22
C VAL A 36 1.04 -3.55 -32.26
N LYS A 37 0.17 -4.19 -31.50
CA LYS A 37 -0.07 -5.63 -31.56
C LYS A 37 -1.24 -5.87 -32.48
N ILE A 38 -1.01 -6.62 -33.54
CA ILE A 38 -2.05 -6.95 -34.54
C ILE A 38 -2.44 -8.39 -34.25
N PHE A 39 -3.68 -8.64 -33.87
CA PHE A 39 -4.11 -9.98 -33.38
C PHE A 39 -4.46 -10.89 -34.56
N SER A 40 -4.04 -12.13 -34.43
CA SER A 40 -4.54 -13.22 -35.30
C SER A 40 -6.03 -13.42 -35.03
N SER A 41 -6.74 -13.91 -36.05
CA SER A 41 -8.12 -14.41 -35.91
C SER A 41 -8.16 -15.40 -34.73
N ARG A 42 -7.11 -16.21 -34.60
CA ARG A 42 -6.99 -17.29 -33.58
C ARG A 42 -7.10 -16.69 -32.18
N ASP A 43 -6.67 -15.45 -31.99
CA ASP A 43 -6.46 -14.90 -30.63
C ASP A 43 -7.33 -13.66 -30.41
N GLU A 44 -8.44 -13.52 -31.13
CA GLU A 44 -9.33 -12.34 -30.97
C GLU A 44 -9.73 -12.23 -29.51
N LYS A 45 -9.95 -13.29 -28.75
CA LYS A 45 -10.50 -13.17 -27.40
C LYS A 45 -9.49 -12.41 -26.54
N SER A 46 -8.21 -12.52 -26.81
CA SER A 46 -7.20 -11.77 -26.00
C SER A 46 -7.41 -10.27 -26.22
N TRP A 47 -7.69 -9.83 -27.43
CA TRP A 47 -7.95 -8.38 -27.68
C TRP A 47 -9.21 -7.99 -26.91
N PHE A 48 -10.25 -8.78 -27.01
CA PHE A 48 -11.51 -8.46 -26.31
C PHE A 48 -11.33 -8.38 -24.81
N ARG A 49 -10.56 -9.32 -24.25
CA ARG A 49 -10.39 -9.33 -22.78
C ARG A 49 -9.57 -8.12 -22.34
N GLU A 50 -8.47 -7.79 -22.99
CA GLU A 50 -7.66 -6.66 -22.57
C GLU A 50 -8.49 -5.38 -22.74
N THR A 51 -9.23 -5.28 -23.84
CA THR A 51 -10.07 -4.09 -24.13
C THR A 51 -11.15 -4.00 -23.04
N GLU A 52 -11.82 -5.12 -22.72
CA GLU A 52 -12.87 -5.07 -21.68
C GLU A 52 -12.27 -4.63 -20.36
N LEU A 53 -11.08 -5.12 -20.01
CA LEU A 53 -10.43 -4.72 -18.74
C LEU A 53 -10.14 -3.20 -18.74
N TYR A 54 -9.55 -2.67 -19.80
CA TYR A 54 -9.17 -1.25 -19.85
C TYR A 54 -10.42 -0.36 -19.95
N ASN A 55 -11.52 -0.87 -20.48
CA ASN A 55 -12.80 -0.13 -20.47
C ASN A 55 -13.38 -0.11 -19.06
N THR A 56 -13.03 -1.08 -18.22
CA THR A 56 -13.46 -1.16 -16.83
C THR A 56 -12.57 -0.30 -15.92
N VAL A 57 -11.27 -0.37 -16.11
CA VAL A 57 -10.30 0.34 -15.24
C VAL A 57 -9.14 0.76 -16.11
N MET A 58 -8.83 2.05 -16.14
CA MET A 58 -7.69 2.56 -16.93
C MET A 58 -6.43 2.45 -16.08
N LEU A 59 -5.81 1.27 -16.12
CA LEU A 59 -4.61 1.05 -15.31
C LEU A 59 -3.53 2.05 -15.71
N ARG A 60 -2.86 2.62 -14.73
CA ARG A 60 -1.75 3.54 -14.97
C ARG A 60 -0.73 3.25 -13.91
N HIS A 61 0.38 2.66 -14.26
CA HIS A 61 1.43 2.28 -13.28
C HIS A 61 2.73 2.15 -14.05
N GLU A 62 3.82 2.62 -13.48
N GLU A 62 3.80 2.62 -13.45
CA GLU A 62 5.11 2.63 -14.20
CA GLU A 62 5.17 2.61 -14.03
C GLU A 62 5.57 1.19 -14.50
C GLU A 62 5.58 1.20 -14.46
N ASN A 63 5.04 0.17 -13.82
CA ASN A 63 5.48 -1.22 -14.09
C ASN A 63 4.40 -2.05 -14.78
N ILE A 64 3.44 -1.38 -15.40
N ILE A 64 3.46 -1.38 -15.43
CA ILE A 64 2.41 -1.97 -16.28
CA ILE A 64 2.47 -2.04 -16.30
C ILE A 64 2.56 -1.34 -17.67
C ILE A 64 2.50 -1.36 -17.66
N LEU A 65 2.67 -2.15 -18.72
CA LEU A 65 2.81 -1.57 -20.07
C LEU A 65 1.68 -0.58 -20.31
N GLY A 66 2.08 0.60 -20.77
CA GLY A 66 1.13 1.71 -20.84
C GLY A 66 0.15 1.61 -21.99
N PHE A 67 -1.13 1.58 -21.69
CA PHE A 67 -2.18 1.55 -22.70
C PHE A 67 -2.29 2.87 -23.46
N ILE A 68 -2.44 2.81 -24.77
CA ILE A 68 -2.79 3.97 -25.61
C ILE A 68 -4.16 3.79 -26.25
N ALA A 69 -4.38 2.69 -26.96
CA ALA A 69 -5.64 2.55 -27.70
C ALA A 69 -5.93 1.09 -28.00
N SER A 70 -7.21 0.78 -28.15
CA SER A 70 -7.72 -0.46 -28.77
C SER A 70 -8.51 -0.08 -30.01
N ASP A 71 -8.14 -0.64 -31.15
CA ASP A 71 -8.79 -0.31 -32.43
C ASP A 71 -9.37 -1.55 -33.05
N MET A 72 -10.61 -1.43 -33.48
CA MET A 72 -11.25 -2.41 -34.37
C MET A 72 -11.55 -1.71 -35.70
N THR A 73 -11.09 -2.27 -36.81
CA THR A 73 -11.34 -1.70 -38.16
C THR A 73 -12.00 -2.76 -39.03
N SER A 74 -13.11 -2.40 -39.65
CA SER A 74 -13.86 -3.25 -40.59
C SER A 74 -13.03 -3.39 -41.88
N ARG A 75 -12.80 -4.61 -42.29
CA ARG A 75 -12.17 -4.92 -43.61
C ARG A 75 -13.19 -5.68 -44.46
N HIS A 76 -12.91 -5.81 -45.78
CA HIS A 76 -13.85 -6.41 -46.76
C HIS A 76 -14.46 -7.69 -46.19
N SER A 77 -13.62 -8.61 -45.71
CA SER A 77 -14.04 -9.98 -45.35
C SER A 77 -13.52 -10.37 -43.96
N SER A 78 -13.06 -9.39 -43.17
CA SER A 78 -12.47 -9.68 -41.83
C SER A 78 -12.60 -8.44 -40.94
N THR A 79 -12.36 -8.64 -39.66
CA THR A 79 -12.21 -7.56 -38.66
C THR A 79 -10.74 -7.46 -38.25
N GLN A 80 -10.13 -6.27 -38.29
CA GLN A 80 -8.73 -6.07 -37.86
C GLN A 80 -8.73 -5.55 -36.44
N LEU A 81 -7.93 -6.15 -35.58
CA LEU A 81 -7.88 -5.81 -34.14
C LEU A 81 -6.46 -5.40 -33.78
N TRP A 82 -6.27 -4.20 -33.30
CA TRP A 82 -4.96 -3.68 -32.89
C TRP A 82 -5.03 -3.27 -31.42
N LEU A 83 -3.99 -3.53 -30.65
CA LEU A 83 -3.76 -2.94 -29.33
C LEU A 83 -2.55 -2.05 -29.46
N ILE A 84 -2.65 -0.82 -29.03
CA ILE A 84 -1.56 0.16 -29.16
C ILE A 84 -1.11 0.54 -27.78
N THR A 85 0.20 0.45 -27.53
CA THR A 85 0.77 0.70 -26.20
C THR A 85 2.01 1.58 -26.31
N HIS A 86 2.54 1.99 -25.19
CA HIS A 86 3.93 2.47 -25.11
C HIS A 86 4.86 1.48 -25.78
N TYR A 87 5.96 2.02 -26.30
CA TYR A 87 7.00 1.25 -26.95
C TYR A 87 8.27 1.27 -26.10
N HIS A 88 8.79 0.08 -25.79
CA HIS A 88 10.03 -0.07 -25.01
C HIS A 88 11.12 -0.68 -25.88
N GLU A 89 12.00 0.20 -26.34
CA GLU A 89 12.94 -0.23 -27.41
C GLU A 89 13.91 -1.31 -26.92
N MET A 90 14.13 -1.50 -25.63
CA MET A 90 15.06 -2.53 -25.16
C MET A 90 14.47 -3.92 -25.32
N GLY A 91 13.16 -4.03 -25.56
CA GLY A 91 12.49 -5.30 -25.77
C GLY A 91 12.19 -6.07 -24.50
N SER A 92 11.94 -7.34 -24.63
CA SER A 92 11.47 -8.18 -23.53
C SER A 92 12.63 -8.53 -22.60
N LEU A 93 12.27 -8.85 -21.37
CA LEU A 93 13.24 -9.36 -20.38
C LEU A 93 13.84 -10.67 -20.87
N TYR A 94 13.06 -11.52 -21.50
CA TYR A 94 13.55 -12.78 -22.08
C TYR A 94 14.70 -12.48 -23.05
N ASP A 95 14.55 -11.54 -23.97
N ASP A 95 14.46 -11.52 -23.95
CA ASP A 95 15.68 -11.37 -24.92
CA ASP A 95 15.42 -11.04 -24.98
C ASP A 95 16.80 -10.58 -24.21
C ASP A 95 16.69 -10.53 -24.28
N TYR A 96 16.49 -9.67 -23.31
CA TYR A 96 17.55 -8.89 -22.64
C TYR A 96 18.47 -9.84 -21.88
N LEU A 97 17.93 -10.83 -21.20
CA LEU A 97 18.75 -11.73 -20.36
C LEU A 97 19.63 -12.61 -21.24
N GLN A 98 19.35 -12.78 -22.52
CA GLN A 98 20.18 -13.69 -23.36
C GLN A 98 21.59 -13.14 -23.54
N LEU A 99 21.60 -11.82 -23.52
CA LEU A 99 22.33 -10.74 -24.23
C LEU A 99 23.16 -9.95 -23.20
N THR A 100 22.86 -10.09 -21.89
CA THR A 100 23.27 -9.19 -20.81
C THR A 100 23.46 -9.98 -19.51
N THR A 101 24.50 -9.66 -18.74
CA THR A 101 24.60 -10.04 -17.31
C THR A 101 24.24 -8.86 -16.44
N LEU A 102 23.99 -9.10 -15.17
CA LEU A 102 23.48 -8.12 -14.24
C LEU A 102 24.41 -7.97 -13.06
N ASP A 103 24.45 -6.82 -12.45
CA ASP A 103 25.03 -6.67 -11.10
C ASP A 103 23.94 -6.70 -10.04
N THR A 104 24.26 -6.57 -8.79
CA THR A 104 23.34 -6.66 -7.67
C THR A 104 22.26 -5.58 -7.83
N VAL A 105 22.67 -4.35 -8.01
CA VAL A 105 21.66 -3.24 -8.11
C VAL A 105 20.70 -3.48 -9.27
N SER A 106 21.19 -3.83 -10.45
N SER A 106 21.20 -3.87 -10.43
CA SER A 106 20.33 -4.02 -11.65
CA SER A 106 20.33 -4.02 -11.64
C SER A 106 19.40 -5.21 -11.38
C SER A 106 19.44 -5.25 -11.51
N CYS A 107 19.92 -6.33 -10.90
CA CYS A 107 19.10 -7.52 -10.65
C CYS A 107 17.95 -7.13 -9.71
N LEU A 108 18.23 -6.51 -8.56
CA LEU A 108 17.18 -6.14 -7.59
C LEU A 108 16.19 -5.16 -8.23
N ARG A 109 16.70 -4.21 -8.97
CA ARG A 109 15.81 -3.19 -9.58
C ARG A 109 14.82 -3.86 -10.54
N ILE A 110 15.31 -4.79 -11.37
CA ILE A 110 14.44 -5.58 -12.25
C ILE A 110 13.38 -6.33 -11.42
N VAL A 111 13.79 -7.11 -10.44
CA VAL A 111 12.79 -7.98 -9.80
C VAL A 111 11.83 -7.18 -8.92
N LEU A 112 12.34 -6.14 -8.27
CA LEU A 112 11.44 -5.31 -7.42
C LEU A 112 10.44 -4.57 -8.34
N SER A 113 10.85 -4.16 -9.55
CA SER A 113 9.89 -3.46 -10.45
C SER A 113 8.79 -4.44 -10.89
N ILE A 114 9.18 -5.69 -11.14
CA ILE A 114 8.16 -6.69 -11.56
C ILE A 114 7.20 -6.93 -10.40
N ALA A 115 7.76 -7.12 -9.19
CA ALA A 115 6.93 -7.33 -8.00
C ALA A 115 5.97 -6.15 -7.79
N SER A 116 6.45 -4.96 -8.08
N SER A 116 6.45 -4.93 -8.05
CA SER A 116 5.64 -3.73 -7.90
CA SER A 116 5.67 -3.69 -7.91
C SER A 116 4.48 -3.73 -8.90
C SER A 116 4.49 -3.71 -8.90
N GLY A 117 4.74 -4.05 -10.16
CA GLY A 117 3.65 -4.12 -11.14
C GLY A 117 2.68 -5.21 -10.74
N LEU A 118 3.19 -6.34 -10.28
CA LEU A 118 2.29 -7.48 -9.97
C LEU A 118 1.40 -7.18 -8.76
N ALA A 119 2.01 -6.59 -7.72
CA ALA A 119 1.24 -6.21 -6.53
C ALA A 119 0.18 -5.19 -6.96
N HIS A 120 0.48 -4.26 -7.86
CA HIS A 120 -0.53 -3.28 -8.31
C HIS A 120 -1.66 -4.02 -8.97
N LEU A 121 -1.37 -4.97 -9.87
CA LEU A 121 -2.45 -5.76 -10.47
C LEU A 121 -3.28 -6.40 -9.37
N HIS A 122 -2.64 -7.11 -8.46
CA HIS A 122 -3.34 -7.96 -7.49
C HIS A 122 -4.23 -7.19 -6.52
N ILE A 123 -3.91 -5.94 -6.19
CA ILE A 123 -4.60 -5.26 -5.03
C ILE A 123 -5.87 -4.60 -5.50
N GLU A 124 -6.98 -4.80 -4.78
CA GLU A 124 -8.20 -4.02 -4.99
C GLU A 124 -8.06 -2.66 -4.30
N ILE A 125 -8.37 -1.58 -5.01
CA ILE A 125 -8.32 -0.20 -4.44
C ILE A 125 -9.76 0.29 -4.48
N PHE A 126 -10.26 0.79 -3.36
CA PHE A 126 -11.67 1.28 -3.27
C PHE A 126 -11.74 2.76 -3.64
N GLY A 127 -12.93 3.20 -4.09
CA GLY A 127 -13.23 4.59 -4.46
C GLY A 127 -13.53 4.72 -5.94
N GLY A 130 -10.08 4.01 -7.96
CA GLY A 130 -9.73 2.65 -7.51
C GLY A 130 -9.62 1.66 -8.68
N LYS A 131 -9.65 0.39 -8.34
CA LYS A 131 -9.45 -0.70 -9.32
C LYS A 131 -9.90 -1.99 -8.70
N PRO A 132 -10.46 -2.90 -9.50
CA PRO A 132 -10.64 -4.26 -9.04
C PRO A 132 -9.29 -4.95 -8.90
N ALA A 133 -9.24 -5.98 -8.10
CA ALA A 133 -8.10 -6.91 -8.09
C ALA A 133 -8.03 -7.61 -9.44
N ILE A 134 -6.79 -7.84 -9.94
CA ILE A 134 -6.53 -8.45 -11.25
C ILE A 134 -5.46 -9.50 -11.08
N ALA A 135 -5.70 -10.68 -11.61
CA ALA A 135 -4.65 -11.70 -11.81
C ALA A 135 -4.28 -11.78 -13.29
N HIS A 136 -3.01 -11.92 -13.59
CA HIS A 136 -2.46 -11.86 -14.95
C HIS A 136 -2.70 -13.13 -15.73
N ARG A 137 -2.29 -14.26 -15.16
CA ARG A 137 -2.50 -15.64 -15.65
C ARG A 137 -1.57 -16.03 -16.80
N ASP A 138 -0.64 -15.19 -17.21
CA ASP A 138 0.38 -15.67 -18.16
C ASP A 138 1.68 -14.88 -17.91
N LEU A 139 2.11 -14.82 -16.65
CA LEU A 139 3.35 -14.08 -16.33
C LEU A 139 4.51 -14.95 -16.75
N LYS A 140 5.48 -14.32 -17.41
CA LYS A 140 6.70 -14.99 -17.91
C LYS A 140 7.62 -13.91 -18.40
N SER A 141 8.88 -14.27 -18.70
CA SER A 141 9.88 -13.26 -19.08
C SER A 141 9.60 -12.65 -20.47
N LYS A 142 8.91 -13.36 -21.36
CA LYS A 142 8.51 -12.77 -22.66
C LYS A 142 7.41 -11.74 -22.48
N ASN A 143 6.71 -11.76 -21.36
CA ASN A 143 5.59 -10.81 -21.10
C ASN A 143 6.04 -9.69 -20.18
N ILE A 144 7.33 -9.44 -20.11
CA ILE A 144 7.92 -8.35 -19.29
C ILE A 144 8.81 -7.56 -20.21
N LEU A 145 8.69 -6.23 -20.23
CA LEU A 145 9.54 -5.38 -21.08
CA LEU A 145 9.55 -5.39 -21.08
C LEU A 145 10.54 -4.63 -20.20
N VAL A 146 11.73 -4.39 -20.73
CA VAL A 146 12.78 -3.62 -20.02
C VAL A 146 12.70 -2.17 -20.45
N LYS A 147 12.70 -1.28 -19.48
CA LYS A 147 12.71 0.17 -19.75
C LYS A 147 14.14 0.68 -19.64
N LYS A 148 14.34 1.84 -20.27
CA LYS A 148 15.69 2.46 -20.26
C LYS A 148 16.16 2.79 -18.84
N ASN A 149 15.26 3.08 -17.90
CA ASN A 149 15.64 3.42 -16.52
C ASN A 149 15.97 2.18 -15.68
N GLY A 150 15.96 0.99 -16.27
CA GLY A 150 16.38 -0.22 -15.56
C GLY A 150 15.25 -0.89 -14.84
N GLN A 151 14.08 -0.32 -14.80
CA GLN A 151 12.86 -1.00 -14.31
C GLN A 151 12.23 -1.74 -15.47
N CYS A 152 11.33 -2.65 -15.16
CA CYS A 152 10.55 -3.40 -16.17
C CYS A 152 9.08 -3.05 -16.04
N CYS A 153 8.32 -3.47 -17.04
CA CYS A 153 6.85 -3.39 -16.97
C CYS A 153 6.23 -4.70 -17.48
N ILE A 154 5.09 -5.02 -16.93
CA ILE A 154 4.35 -6.25 -17.25
C ILE A 154 3.41 -5.99 -18.40
N ALA A 155 3.39 -6.88 -19.35
CA ALA A 155 2.59 -6.78 -20.59
C ALA A 155 1.63 -7.97 -20.68
N ASP A 156 0.62 -7.80 -21.53
CA ASP A 156 -0.32 -8.83 -22.03
C ASP A 156 -1.33 -9.19 -20.97
N LEU A 157 -2.44 -8.51 -20.95
CA LEU A 157 -3.56 -8.80 -20.05
C LEU A 157 -4.68 -9.55 -20.78
N GLY A 158 -4.32 -10.24 -21.85
CA GLY A 158 -5.31 -10.99 -22.65
C GLY A 158 -5.90 -12.18 -21.97
N LEU A 159 -5.28 -12.65 -20.88
N LEU A 159 -5.30 -12.66 -20.87
CA LEU A 159 -5.81 -13.78 -20.07
CA LEU A 159 -5.88 -13.78 -20.05
C LEU A 159 -6.25 -13.30 -18.69
C LEU A 159 -6.28 -13.29 -18.67
N ALA A 160 -6.14 -12.00 -18.40
CA ALA A 160 -6.30 -11.48 -17.05
C ALA A 160 -7.72 -11.67 -16.58
N VAL A 161 -7.89 -11.81 -15.28
CA VAL A 161 -9.22 -11.89 -14.63
C VAL A 161 -9.31 -10.81 -13.55
N MET A 162 -10.49 -10.18 -13.52
CA MET A 162 -10.82 -9.14 -12.55
C MET A 162 -11.69 -9.73 -11.44
N HIS A 163 -11.53 -9.25 -10.22
CA HIS A 163 -12.42 -9.51 -9.06
C HIS A 163 -12.86 -8.18 -8.43
N ARG A 177 -7.64 -19.76 -24.92
CA ARG A 177 -6.25 -19.54 -24.48
C ARG A 177 -6.09 -19.95 -23.03
N VAL A 178 -4.98 -20.66 -22.72
CA VAL A 178 -4.61 -20.99 -21.31
C VAL A 178 -3.21 -20.45 -21.12
N GLY A 179 -2.70 -20.44 -19.88
CA GLY A 179 -1.35 -19.92 -19.66
C GLY A 179 -0.26 -20.72 -20.38
N THR A 180 0.94 -20.18 -20.44
CA THR A 180 2.12 -20.89 -20.98
C THR A 180 2.43 -22.07 -20.09
N LYS A 181 2.49 -23.27 -20.67
CA LYS A 181 2.59 -24.52 -19.89
CA LYS A 181 2.57 -24.50 -19.86
C LYS A 181 3.84 -24.57 -19.01
N ARG A 182 4.96 -24.08 -19.54
CA ARG A 182 6.23 -24.15 -18.77
C ARG A 182 6.09 -23.44 -17.42
N TYR A 183 5.27 -22.39 -17.38
CA TYR A 183 5.11 -21.55 -16.16
C TYR A 183 3.89 -21.91 -15.35
N MET A 184 3.16 -22.96 -15.69
CA MET A 184 1.95 -23.31 -14.94
C MET A 184 2.26 -23.87 -13.55
N ALA A 185 1.51 -23.39 -12.57
CA ALA A 185 1.58 -23.88 -11.18
C ALA A 185 1.04 -25.31 -11.08
N PRO A 186 1.46 -26.05 -10.04
CA PRO A 186 1.01 -27.45 -9.91
C PRO A 186 -0.51 -27.61 -9.88
N GLU A 187 -1.23 -26.71 -9.26
CA GLU A 187 -2.70 -26.83 -9.15
C GLU A 187 -3.35 -26.61 -10.49
N VAL A 188 -2.73 -25.93 -11.42
CA VAL A 188 -3.23 -25.81 -12.81
C VAL A 188 -2.99 -27.13 -13.51
N LEU A 189 -1.79 -27.66 -13.41
CA LEU A 189 -1.43 -28.93 -14.11
C LEU A 189 -2.24 -30.10 -13.55
N ASP A 190 -2.55 -30.17 -12.27
CA ASP A 190 -3.28 -31.33 -11.69
C ASP A 190 -4.77 -31.01 -11.60
N GLU A 191 -5.19 -29.86 -12.07
CA GLU A 191 -6.60 -29.45 -12.24
C GLU A 191 -7.28 -29.45 -10.89
N THR A 192 -6.56 -29.18 -9.80
CA THR A 192 -7.12 -29.01 -8.42
C THR A 192 -7.35 -27.55 -8.11
N ILE A 193 -6.94 -26.63 -8.97
CA ILE A 193 -7.11 -25.19 -8.66
C ILE A 193 -8.58 -24.92 -8.32
N GLN A 194 -8.77 -24.14 -7.27
CA GLN A 194 -10.09 -23.69 -6.78
C GLN A 194 -10.54 -22.53 -7.68
N VAL A 195 -11.23 -22.81 -8.78
CA VAL A 195 -11.54 -21.88 -9.91
C VAL A 195 -12.57 -20.82 -9.49
N ASP A 196 -13.32 -21.04 -8.41
CA ASP A 196 -14.33 -20.09 -7.87
C ASP A 196 -13.68 -19.16 -6.85
N CYS A 197 -12.37 -19.22 -6.62
CA CYS A 197 -11.70 -18.49 -5.51
C CYS A 197 -10.69 -17.54 -6.16
N PHE A 198 -10.91 -16.24 -6.10
CA PHE A 198 -10.03 -15.34 -6.89
C PHE A 198 -8.60 -15.46 -6.36
N ASP A 199 -8.37 -15.68 -5.09
CA ASP A 199 -7.01 -15.77 -4.54
C ASP A 199 -6.26 -16.90 -5.26
N SER A 200 -6.95 -17.93 -5.74
CA SER A 200 -6.27 -19.02 -6.47
C SER A 200 -5.48 -18.45 -7.63
N TYR A 201 -6.01 -17.45 -8.31
CA TYR A 201 -5.36 -16.93 -9.53
C TYR A 201 -4.15 -16.09 -9.15
N LYS A 202 -4.24 -15.36 -8.04
N LYS A 202 -4.23 -15.37 -8.04
CA LYS A 202 -3.06 -14.60 -7.55
CA LYS A 202 -3.05 -14.62 -7.56
C LYS A 202 -1.94 -15.60 -7.24
C LYS A 202 -1.93 -15.62 -7.27
N ARG A 203 -2.25 -16.75 -6.63
CA ARG A 203 -1.22 -17.71 -6.23
C ARG A 203 -0.58 -18.37 -7.45
N VAL A 204 -1.30 -18.53 -8.53
CA VAL A 204 -0.73 -19.03 -9.81
C VAL A 204 0.24 -17.99 -10.34
N ASP A 205 -0.06 -16.70 -10.22
CA ASP A 205 0.88 -15.68 -10.70
C ASP A 205 2.13 -15.72 -9.83
N ILE A 206 2.00 -15.93 -8.52
CA ILE A 206 3.20 -15.95 -7.64
C ILE A 206 4.15 -17.08 -8.02
N TRP A 207 3.60 -18.24 -8.32
CA TRP A 207 4.45 -19.35 -8.80
C TRP A 207 5.26 -18.88 -10.00
N ALA A 208 4.56 -18.33 -11.00
CA ALA A 208 5.22 -17.89 -12.24
C ALA A 208 6.26 -16.80 -11.90
N PHE A 209 5.93 -15.89 -11.02
CA PHE A 209 6.90 -14.87 -10.60
C PHE A 209 8.16 -15.50 -10.05
N GLY A 210 7.99 -16.53 -9.23
CA GLY A 210 9.18 -17.20 -8.70
C GLY A 210 10.08 -17.72 -9.81
N LEU A 211 9.46 -18.30 -10.84
CA LEU A 211 10.25 -18.79 -12.00
C LEU A 211 11.00 -17.64 -12.68
N VAL A 212 10.32 -16.50 -12.86
CA VAL A 212 10.95 -15.31 -13.46
C VAL A 212 12.11 -14.84 -12.60
N LEU A 213 11.90 -14.84 -11.30
N LEU A 213 11.90 -14.80 -11.28
CA LEU A 213 12.97 -14.42 -10.37
CA LEU A 213 12.99 -14.46 -10.32
C LEU A 213 14.19 -15.34 -10.54
C LEU A 213 14.20 -15.34 -10.62
N TRP A 214 13.97 -16.64 -10.69
CA TRP A 214 15.06 -17.61 -10.94
C TRP A 214 15.75 -17.28 -12.27
N GLU A 215 15.01 -16.99 -13.33
CA GLU A 215 15.63 -16.68 -14.66
C GLU A 215 16.57 -15.49 -14.55
N VAL A 216 16.17 -14.50 -13.81
CA VAL A 216 16.90 -13.22 -13.70
C VAL A 216 18.12 -13.45 -12.81
N ALA A 217 17.94 -14.10 -11.68
CA ALA A 217 19.02 -14.29 -10.67
C ALA A 217 20.17 -15.04 -11.30
N ARG A 218 19.89 -15.99 -12.16
CA ARG A 218 20.93 -16.76 -12.82
C ARG A 218 21.91 -15.81 -13.54
N ARG A 219 21.40 -14.68 -14.05
CA ARG A 219 22.20 -13.75 -14.86
C ARG A 219 22.92 -12.72 -13.99
N MET A 220 22.76 -12.75 -12.71
CA MET A 220 23.46 -11.82 -11.79
C MET A 220 24.86 -12.39 -11.49
N VAL A 221 25.92 -11.64 -11.78
CA VAL A 221 27.32 -12.09 -11.56
C VAL A 221 27.64 -12.06 -10.08
N SER A 222 28.30 -13.10 -9.55
CA SER A 222 28.91 -13.04 -8.21
C SER A 222 30.23 -13.78 -8.26
N ASN A 223 31.26 -13.15 -7.70
CA ASN A 223 32.60 -13.81 -7.58
C ASN A 223 33.05 -14.24 -8.98
N GLY A 224 32.79 -13.46 -10.04
CA GLY A 224 33.20 -13.74 -11.42
C GLY A 224 32.48 -14.88 -12.09
N ILE A 225 31.36 -15.31 -11.52
CA ILE A 225 30.58 -16.46 -12.01
C ILE A 225 29.18 -15.94 -12.43
N VAL A 226 28.67 -16.54 -13.47
CA VAL A 226 27.27 -16.32 -13.90
C VAL A 226 26.77 -17.57 -14.60
N GLU A 227 25.47 -17.85 -14.50
CA GLU A 227 24.89 -18.94 -15.30
C GLU A 227 24.48 -18.38 -16.66
N ASP A 228 24.50 -19.23 -17.66
CA ASP A 228 23.92 -18.95 -18.98
C ASP A 228 22.40 -18.74 -18.82
N TYR A 229 21.80 -17.96 -19.68
CA TYR A 229 20.33 -17.86 -19.69
C TYR A 229 19.78 -19.23 -20.02
N LYS A 230 18.80 -19.63 -19.22
CA LYS A 230 17.99 -20.85 -19.52
C LYS A 230 16.57 -20.55 -19.09
N PRO A 231 15.56 -21.12 -19.78
CA PRO A 231 14.20 -21.03 -19.29
C PRO A 231 13.97 -21.98 -18.15
N PRO A 232 12.95 -21.73 -17.31
CA PRO A 232 12.62 -22.65 -16.24
C PRO A 232 12.42 -24.07 -16.77
N PHE A 233 12.98 -25.02 -16.04
CA PHE A 233 12.81 -26.47 -16.30
C PHE A 233 13.49 -26.89 -17.61
N TYR A 234 14.44 -26.10 -18.10
CA TYR A 234 15.19 -26.42 -19.34
C TYR A 234 15.81 -27.81 -19.27
N ASP A 235 16.16 -28.27 -18.09
CA ASP A 235 16.91 -29.53 -17.91
C ASP A 235 16.02 -30.74 -17.75
N VAL A 236 14.71 -30.56 -17.68
CA VAL A 236 13.81 -31.69 -17.38
C VAL A 236 12.65 -31.82 -18.34
N VAL A 237 12.37 -30.85 -19.22
CA VAL A 237 11.27 -30.98 -20.18
C VAL A 237 11.82 -30.58 -21.54
N PRO A 238 11.14 -31.03 -22.61
CA PRO A 238 11.51 -30.58 -23.94
C PRO A 238 11.12 -29.14 -24.22
N ASN A 239 11.61 -28.61 -25.34
CA ASN A 239 10.99 -27.42 -25.93
C ASN A 239 9.52 -27.67 -26.18
N ASP A 240 8.66 -26.66 -26.01
CA ASP A 240 7.21 -26.80 -26.17
C ASP A 240 6.76 -28.01 -25.40
N PRO A 241 6.99 -28.02 -24.08
CA PRO A 241 6.63 -29.16 -23.29
C PRO A 241 5.13 -29.39 -23.26
N SER A 242 4.71 -30.64 -23.22
CA SER A 242 3.28 -30.93 -23.14
C SER A 242 2.74 -30.66 -21.75
N PHE A 243 1.45 -30.64 -21.60
CA PHE A 243 0.82 -30.54 -20.31
C PHE A 243 1.27 -31.70 -19.45
N GLU A 244 1.33 -32.93 -19.99
CA GLU A 244 1.75 -34.10 -19.22
C GLU A 244 3.22 -34.01 -18.83
N ASP A 245 4.05 -33.53 -19.73
CA ASP A 245 5.48 -33.36 -19.40
C ASP A 245 5.61 -32.48 -18.16
N MET A 246 4.89 -31.37 -18.16
CA MET A 246 4.95 -30.44 -17.02
C MET A 246 4.32 -31.05 -15.76
N ARG A 247 3.18 -31.75 -15.91
CA ARG A 247 2.54 -32.33 -14.73
C ARG A 247 3.47 -33.34 -14.04
N LYS A 248 4.16 -34.17 -14.83
CA LYS A 248 5.06 -35.17 -14.23
CA LYS A 248 5.06 -35.17 -14.24
C LYS A 248 6.16 -34.47 -13.44
N VAL A 249 6.77 -33.42 -13.99
CA VAL A 249 7.87 -32.72 -13.30
C VAL A 249 7.36 -32.03 -12.04
N VAL A 250 6.33 -31.20 -12.20
CA VAL A 250 5.92 -30.23 -11.16
C VAL A 250 5.03 -30.88 -10.10
N CYS A 251 4.12 -31.74 -10.53
CA CYS A 251 3.10 -32.38 -9.64
C CYS A 251 3.59 -33.73 -9.12
N VAL A 252 3.99 -34.61 -10.01
CA VAL A 252 4.22 -36.01 -9.56
C VAL A 252 5.58 -36.07 -8.86
N ASP A 253 6.61 -35.59 -9.52
CA ASP A 253 7.97 -35.63 -8.92
C ASP A 253 8.21 -34.44 -8.02
N GLN A 254 7.43 -33.36 -8.14
CA GLN A 254 7.57 -32.14 -7.30
C GLN A 254 8.95 -31.53 -7.47
N GLN A 255 9.51 -31.53 -8.69
CA GLN A 255 10.79 -30.85 -8.99
C GLN A 255 10.58 -29.33 -8.96
N ARG A 256 11.68 -28.66 -8.60
CA ARG A 256 11.77 -27.20 -8.63
C ARG A 256 13.06 -26.84 -9.32
N PRO A 257 13.19 -25.62 -9.85
CA PRO A 257 14.44 -25.18 -10.45
C PRO A 257 15.60 -25.29 -9.45
N ASN A 258 16.73 -25.70 -9.95
N ASN A 258 16.76 -25.65 -10.02
CA ASN A 258 17.87 -25.87 -9.02
CA ASN A 258 18.07 -25.82 -9.31
C ASN A 258 18.57 -24.54 -8.79
C ASN A 258 18.56 -24.47 -8.77
N ILE A 259 19.04 -24.44 -7.56
CA ILE A 259 19.79 -23.28 -7.01
C ILE A 259 21.26 -23.65 -7.02
N PRO A 260 22.09 -22.99 -7.86
CA PRO A 260 23.51 -23.31 -7.91
C PRO A 260 24.22 -23.00 -6.60
N ASN A 261 25.25 -23.80 -6.31
CA ASN A 261 26.06 -23.58 -5.11
C ASN A 261 26.61 -22.16 -5.02
N ARG A 262 27.04 -21.63 -6.15
CA ARG A 262 27.72 -20.31 -6.14
C ARG A 262 26.80 -19.22 -5.58
N TRP A 263 25.46 -19.39 -5.61
CA TRP A 263 24.56 -18.37 -5.04
C TRP A 263 24.82 -18.22 -3.55
N PHE A 264 25.21 -19.30 -2.84
CA PHE A 264 25.30 -19.32 -1.38
C PHE A 264 26.58 -18.58 -0.91
N SER A 265 27.45 -18.16 -1.80
CA SER A 265 28.57 -17.24 -1.48
C SER A 265 28.14 -15.79 -1.60
N ASP A 266 26.94 -15.47 -2.09
CA ASP A 266 26.53 -14.08 -2.34
C ASP A 266 25.31 -13.78 -1.52
N PRO A 267 25.29 -12.72 -0.66
CA PRO A 267 24.14 -12.51 0.22
C PRO A 267 22.85 -12.21 -0.58
N THR A 268 22.97 -11.47 -1.69
CA THR A 268 21.79 -11.12 -2.49
C THR A 268 21.18 -12.41 -3.05
N LEU A 269 22.00 -13.25 -3.67
CA LEU A 269 21.46 -14.48 -4.32
C LEU A 269 20.97 -15.46 -3.27
N THR A 270 21.61 -15.49 -2.10
CA THR A 270 21.13 -16.33 -0.98
C THR A 270 19.71 -15.89 -0.59
N SER A 271 19.47 -14.59 -0.42
CA SER A 271 18.15 -14.04 -0.10
C SER A 271 17.14 -14.31 -1.23
N LEU A 272 17.56 -14.18 -2.46
CA LEU A 272 16.65 -14.39 -3.60
C LEU A 272 16.30 -15.88 -3.69
N ALA A 273 17.24 -16.78 -3.40
CA ALA A 273 16.94 -18.22 -3.39
C ALA A 273 15.84 -18.52 -2.39
N LYS A 274 15.91 -17.94 -1.19
CA LYS A 274 14.87 -18.15 -0.16
C LYS A 274 13.51 -17.63 -0.69
N LEU A 275 13.53 -16.45 -1.30
CA LEU A 275 12.31 -15.84 -1.83
C LEU A 275 11.67 -16.73 -2.86
N MET A 276 12.44 -17.20 -3.81
CA MET A 276 11.88 -18.00 -4.89
C MET A 276 11.35 -19.31 -4.31
N LYS A 277 12.00 -19.93 -3.33
CA LYS A 277 11.46 -21.14 -2.66
C LYS A 277 10.05 -20.87 -2.10
N GLU A 278 9.80 -19.67 -1.58
N GLU A 278 9.84 -19.66 -1.56
CA GLU A 278 8.53 -19.36 -0.92
CA GLU A 278 8.58 -19.23 -0.89
C GLU A 278 7.47 -18.96 -1.93
C GLU A 278 7.51 -18.87 -1.91
N CYS A 279 7.83 -18.91 -3.20
CA CYS A 279 6.83 -18.77 -4.30
C CYS A 279 6.47 -20.13 -4.87
N TRP A 280 7.14 -21.20 -4.47
CA TRP A 280 7.05 -22.53 -5.15
C TRP A 280 6.48 -23.61 -4.29
N TYR A 281 5.94 -23.26 -3.14
CA TYR A 281 5.28 -24.31 -2.31
C TYR A 281 4.20 -25.00 -3.13
N GLN A 282 4.05 -26.33 -2.95
CA GLN A 282 2.93 -27.10 -3.54
CA GLN A 282 2.96 -27.13 -3.55
C GLN A 282 1.60 -26.54 -3.08
N ASN A 283 1.49 -26.23 -1.80
CA ASN A 283 0.27 -25.69 -1.22
C ASN A 283 0.19 -24.23 -1.62
N PRO A 284 -0.77 -23.88 -2.49
CA PRO A 284 -0.87 -22.50 -2.98
C PRO A 284 -0.98 -21.48 -1.86
N SER A 285 -1.72 -21.79 -0.78
N SER A 285 -1.68 -21.86 -0.78
CA SER A 285 -1.95 -20.80 0.30
CA SER A 285 -1.96 -20.95 0.35
C SER A 285 -0.67 -20.58 1.11
C SER A 285 -0.69 -20.63 1.13
N ALA A 286 0.38 -21.40 0.98
CA ALA A 286 1.66 -21.18 1.70
C ALA A 286 2.53 -20.16 0.96
N ARG A 287 2.22 -19.89 -0.31
CA ARG A 287 3.09 -18.99 -1.08
C ARG A 287 3.01 -17.55 -0.55
N LEU A 288 4.10 -16.83 -0.67
CA LEU A 288 4.15 -15.40 -0.34
C LEU A 288 3.17 -14.65 -1.21
N THR A 289 2.69 -13.51 -0.74
CA THR A 289 1.91 -12.54 -1.52
C THR A 289 2.89 -11.59 -2.22
N ALA A 290 2.39 -10.96 -3.30
CA ALA A 290 3.20 -9.96 -4.02
C ALA A 290 3.67 -8.84 -3.07
N LEU A 291 2.76 -8.40 -2.18
CA LEU A 291 3.16 -7.35 -1.20
C LEU A 291 4.26 -7.83 -0.27
N ARG A 292 4.21 -9.07 0.17
CA ARG A 292 5.29 -9.60 1.03
C ARG A 292 6.61 -9.71 0.25
N ILE A 293 6.52 -10.14 -1.01
CA ILE A 293 7.74 -10.21 -1.87
C ILE A 293 8.37 -8.81 -1.98
N LYS A 294 7.52 -7.78 -2.22
CA LYS A 294 8.06 -6.40 -2.28
C LYS A 294 8.81 -6.04 -1.01
N LYS A 295 8.16 -6.28 0.13
CA LYS A 295 8.81 -5.89 1.41
C LYS A 295 10.15 -6.63 1.53
N THR A 296 10.16 -7.93 1.26
CA THR A 296 11.41 -8.69 1.39
C THR A 296 12.47 -8.11 0.45
N LEU A 297 12.10 -7.77 -0.78
CA LEU A 297 13.09 -7.25 -1.73
C LEU A 297 13.63 -5.88 -1.27
N THR A 298 12.81 -5.05 -0.65
CA THR A 298 13.31 -3.74 -0.15
C THR A 298 14.29 -3.93 1.00
N LYS A 299 14.33 -5.08 1.66
CA LYS A 299 15.26 -5.29 2.79
C LYS A 299 16.51 -6.02 2.31
N ILE A 300 16.62 -6.41 1.03
CA ILE A 300 17.83 -7.09 0.49
C ILE A 300 18.75 -6.03 -0.03
N ASP A 301 19.98 -6.01 0.49
CA ASP A 301 21.08 -5.04 0.25
C ASP A 301 20.73 -3.67 0.81
N ALA B 7 -34.75 21.76 25.02
CA ALA B 7 -34.00 22.95 24.51
C ALA B 7 -33.09 22.54 23.34
N ARG B 8 -33.65 22.55 22.12
CA ARG B 8 -32.91 22.46 20.83
C ARG B 8 -32.83 23.87 20.21
N ASP B 9 -32.20 23.97 19.04
CA ASP B 9 -32.12 25.17 18.16
C ASP B 9 -30.66 25.59 18.02
N ILE B 10 -30.01 24.98 17.02
CA ILE B 10 -28.55 25.18 16.81
C ILE B 10 -28.37 26.33 15.84
N THR B 11 -27.54 27.31 16.17
CA THR B 11 -27.19 28.40 15.27
C THR B 11 -25.76 28.20 14.77
N LEU B 12 -25.57 28.05 13.46
CA LEU B 12 -24.21 27.91 12.87
C LEU B 12 -23.59 29.30 12.69
N LEU B 13 -22.49 29.59 13.38
CA LEU B 13 -21.96 30.99 13.43
C LEU B 13 -20.72 31.17 12.57
N GLU B 14 -19.75 30.26 12.60
CA GLU B 14 -18.58 30.42 11.71
C GLU B 14 -17.99 29.08 11.32
N CYS B 15 -17.58 28.99 10.09
CA CYS B 15 -16.90 27.79 9.60
C CYS B 15 -15.47 27.80 10.10
N VAL B 16 -15.04 26.78 10.85
CA VAL B 16 -13.67 26.69 11.40
C VAL B 16 -12.84 25.69 10.59
N GLY B 17 -13.41 25.03 9.59
CA GLY B 17 -12.64 24.13 8.72
C GLY B 17 -13.46 23.51 7.62
N LYS B 18 -12.89 23.38 6.43
CA LYS B 18 -13.52 22.70 5.28
C LYS B 18 -12.43 21.91 4.58
N GLY B 19 -12.73 20.67 4.22
CA GLY B 19 -11.85 19.79 3.43
C GLY B 19 -12.70 18.77 2.70
N ARG B 20 -12.07 17.71 2.20
CA ARG B 20 -12.80 16.58 1.57
C ARG B 20 -13.65 15.86 2.63
N TYR B 21 -13.30 15.93 3.92
CA TYR B 21 -14.08 15.29 5.03
C TYR B 21 -15.49 15.89 5.08
N GLY B 22 -15.64 17.16 4.73
CA GLY B 22 -16.82 17.94 5.08
C GLY B 22 -16.41 19.27 5.67
N GLU B 23 -17.16 19.73 6.65
CA GLU B 23 -16.95 21.07 7.21
C GLU B 23 -17.22 21.01 8.71
N VAL B 24 -16.56 21.84 9.50
CA VAL B 24 -16.90 22.00 10.91
C VAL B 24 -17.26 23.45 11.17
N TRP B 25 -18.29 23.65 11.92
CA TRP B 25 -18.81 24.96 12.30
C TRP B 25 -18.75 25.12 13.79
N ARG B 26 -18.41 26.33 14.22
CA ARG B 26 -18.74 26.78 15.57
C ARG B 26 -20.20 27.19 15.56
N GLY B 27 -20.97 26.57 16.41
CA GLY B 27 -22.41 26.84 16.57
C GLY B 27 -22.72 27.27 17.98
N SER B 28 -23.92 27.85 18.15
CA SER B 28 -24.47 28.09 19.48
C SER B 28 -25.66 27.18 19.71
N TRP B 29 -25.75 26.54 20.88
CA TRP B 29 -26.87 25.63 21.24
C TRP B 29 -27.10 25.69 22.74
N GLN B 30 -28.33 25.99 23.17
CA GLN B 30 -28.69 26.11 24.60
C GLN B 30 -27.65 27.02 25.27
N GLY B 31 -27.30 28.14 24.63
CA GLY B 31 -26.39 29.18 25.17
C GLY B 31 -24.92 28.80 25.24
N GLU B 32 -24.50 27.66 24.67
CA GLU B 32 -23.11 27.15 24.74
C GLU B 32 -22.53 27.06 23.31
N ASN B 33 -21.22 27.27 23.14
CA ASN B 33 -20.54 26.94 21.86
C ASN B 33 -20.60 25.42 21.74
N VAL B 34 -20.88 24.98 20.51
CA VAL B 34 -20.75 23.54 20.14
C VAL B 34 -20.04 23.53 18.82
N ALA B 35 -19.43 22.38 18.50
CA ALA B 35 -18.85 22.12 17.18
C ALA B 35 -19.83 21.25 16.41
N VAL B 36 -20.10 21.64 15.19
CA VAL B 36 -21.03 20.89 14.31
C VAL B 36 -20.28 20.49 13.08
N LYS B 37 -20.03 19.19 12.91
CA LYS B 37 -19.36 18.62 11.73
C LYS B 37 -20.45 18.14 10.76
N ILE B 38 -20.39 18.62 9.55
CA ILE B 38 -21.28 18.16 8.47
C ILE B 38 -20.43 17.35 7.51
N PHE B 39 -20.67 16.05 7.41
CA PHE B 39 -19.79 15.17 6.63
C PHE B 39 -20.04 15.32 5.15
N SER B 40 -19.00 15.11 4.35
CA SER B 40 -19.20 14.95 2.91
C SER B 40 -19.92 13.65 2.62
N SER B 41 -20.74 13.55 1.57
CA SER B 41 -21.37 12.22 1.29
C SER B 41 -20.28 11.20 0.92
N ARG B 42 -19.15 11.65 0.45
CA ARG B 42 -18.01 10.77 0.13
C ARG B 42 -17.55 10.06 1.43
N ASP B 43 -17.91 10.59 2.59
CA ASP B 43 -17.37 10.04 3.86
C ASP B 43 -18.50 9.53 4.79
N GLU B 44 -19.58 9.08 4.22
N GLU B 44 -19.59 9.06 4.22
CA GLU B 44 -20.76 8.68 5.00
CA GLU B 44 -20.77 8.60 4.98
C GLU B 44 -20.38 7.48 5.90
C GLU B 44 -20.38 7.46 5.91
N LYS B 45 -19.42 6.62 5.54
CA LYS B 45 -19.07 5.48 6.38
C LYS B 45 -18.32 5.94 7.65
N SER B 46 -17.59 7.04 7.57
CA SER B 46 -16.97 7.61 8.78
C SER B 46 -18.03 8.11 9.74
N TRP B 47 -19.05 8.77 9.24
CA TRP B 47 -20.14 9.27 10.11
C TRP B 47 -20.73 8.09 10.86
N PHE B 48 -21.07 7.03 10.17
CA PHE B 48 -21.74 5.92 10.85
C PHE B 48 -20.81 5.29 11.87
N ARG B 49 -19.53 5.12 11.51
CA ARG B 49 -18.57 4.50 12.43
C ARG B 49 -18.40 5.36 13.70
N GLU B 50 -18.28 6.64 13.55
CA GLU B 50 -18.10 7.54 14.70
C GLU B 50 -19.33 7.46 15.61
N THR B 51 -20.51 7.35 14.99
CA THR B 51 -21.78 7.21 15.72
C THR B 51 -21.78 5.88 16.48
N GLU B 52 -21.36 4.79 15.87
CA GLU B 52 -21.24 3.48 16.58
C GLU B 52 -20.32 3.65 17.78
N LEU B 53 -19.17 4.37 17.60
CA LEU B 53 -18.20 4.51 18.71
C LEU B 53 -18.79 5.34 19.85
N TYR B 54 -19.46 6.43 19.53
CA TYR B 54 -20.00 7.32 20.56
C TYR B 54 -21.25 6.77 21.24
N ASN B 55 -21.83 5.68 20.73
CA ASN B 55 -22.92 4.99 21.46
C ASN B 55 -22.41 4.51 22.81
N THR B 56 -21.12 4.27 22.96
CA THR B 56 -20.55 3.70 24.21
C THR B 56 -20.44 4.77 25.30
N VAL B 57 -21.29 4.70 26.33
CA VAL B 57 -21.27 5.65 27.45
C VAL B 57 -19.88 5.67 28.11
N MET B 58 -19.25 4.51 28.33
CA MET B 58 -17.91 4.51 29.01
C MET B 58 -16.75 4.97 28.11
N LEU B 59 -17.01 5.32 26.86
CA LEU B 59 -15.97 6.02 26.05
C LEU B 59 -15.63 7.37 26.66
N ARG B 60 -16.56 8.04 27.34
CA ARG B 60 -16.42 9.42 27.86
C ARG B 60 -15.14 9.50 28.70
N HIS B 61 -14.36 10.54 28.45
CA HIS B 61 -13.04 10.71 29.11
C HIS B 61 -12.57 12.14 28.85
N GLU B 62 -11.86 12.69 29.85
CA GLU B 62 -11.36 14.08 29.72
C GLU B 62 -10.50 14.25 28.48
N ASN B 63 -9.82 13.20 27.99
CA ASN B 63 -8.90 13.34 26.84
C ASN B 63 -9.51 12.73 25.58
N ILE B 64 -10.83 12.58 25.47
CA ILE B 64 -11.53 12.17 24.24
C ILE B 64 -12.58 13.25 23.96
N LEU B 65 -12.64 13.75 22.75
CA LEU B 65 -13.63 14.78 22.38
C LEU B 65 -15.02 14.34 22.76
N GLY B 66 -15.69 15.20 23.54
CA GLY B 66 -17.02 14.92 24.11
C GLY B 66 -18.13 15.06 23.10
N PHE B 67 -18.89 14.00 22.98
CA PHE B 67 -20.03 13.87 22.10
C PHE B 67 -21.30 14.49 22.66
N ILE B 68 -22.09 15.16 21.85
CA ILE B 68 -23.44 15.65 22.25
C ILE B 68 -24.52 14.90 21.45
N ALA B 69 -24.43 14.90 20.12
CA ALA B 69 -25.47 14.24 19.32
C ALA B 69 -24.89 13.85 17.96
N SER B 70 -25.55 12.92 17.28
CA SER B 70 -25.28 12.52 15.90
C SER B 70 -26.61 12.44 15.17
N ASP B 71 -26.67 12.95 13.97
CA ASP B 71 -27.95 12.91 13.22
C ASP B 71 -27.66 12.55 11.79
N MET B 72 -28.56 11.77 11.21
CA MET B 72 -28.70 11.65 9.77
C MET B 72 -30.08 12.18 9.42
N THR B 73 -30.16 13.13 8.50
CA THR B 73 -31.43 13.78 8.13
C THR B 73 -31.60 13.66 6.64
N SER B 74 -32.85 13.52 6.18
CA SER B 74 -33.07 13.48 4.74
C SER B 74 -34.46 13.91 4.35
N ARG B 75 -34.54 14.55 3.21
CA ARG B 75 -35.80 14.74 2.48
C ARG B 75 -35.49 14.49 1.02
N HIS B 76 -36.39 13.80 0.34
CA HIS B 76 -36.19 13.46 -1.07
C HIS B 76 -34.85 12.75 -1.22
N SER B 77 -33.98 13.13 -2.14
CA SER B 77 -32.74 12.35 -2.37
C SER B 77 -31.55 12.96 -1.65
N SER B 78 -31.73 13.95 -0.80
N SER B 78 -31.75 13.97 -0.84
CA SER B 78 -30.65 14.74 -0.14
CA SER B 78 -30.69 14.71 -0.12
C SER B 78 -30.51 14.25 1.30
C SER B 78 -30.53 14.03 1.23
N THR B 79 -29.29 13.79 1.69
CA THR B 79 -29.01 13.36 3.06
C THR B 79 -27.94 14.26 3.66
N GLN B 80 -28.14 14.65 4.90
CA GLN B 80 -27.12 15.37 5.69
C GLN B 80 -26.71 14.49 6.87
N LEU B 81 -25.43 14.56 7.17
CA LEU B 81 -24.83 13.77 8.25
C LEU B 81 -24.13 14.71 9.20
N TRP B 82 -24.58 14.72 10.44
CA TRP B 82 -24.16 15.71 11.45
C TRP B 82 -23.53 15.02 12.63
N LEU B 83 -22.45 15.56 13.15
CA LEU B 83 -21.90 15.17 14.46
C LEU B 83 -21.75 16.45 15.27
N ILE B 84 -22.30 16.47 16.49
CA ILE B 84 -22.23 17.67 17.35
C ILE B 84 -21.44 17.30 18.59
N THR B 85 -20.39 18.07 18.90
CA THR B 85 -19.49 17.80 20.02
C THR B 85 -19.25 19.08 20.84
N HIS B 86 -18.52 18.91 21.91
CA HIS B 86 -17.88 20.06 22.60
C HIS B 86 -17.06 20.84 21.59
N TYR B 87 -16.95 22.15 21.84
CA TYR B 87 -16.16 23.09 21.03
C TYR B 87 -14.93 23.53 21.82
N HIS B 88 -13.76 23.46 21.22
CA HIS B 88 -12.47 23.85 21.83
C HIS B 88 -11.93 25.03 21.06
N GLU B 89 -12.12 26.26 21.60
CA GLU B 89 -11.82 27.49 20.83
C GLU B 89 -10.33 27.64 20.55
N MET B 90 -9.43 26.95 21.27
CA MET B 90 -8.00 27.01 20.97
C MET B 90 -7.65 26.17 19.75
N GLY B 91 -8.62 25.38 19.26
CA GLY B 91 -8.38 24.66 18.01
C GLY B 91 -7.54 23.39 18.22
N SER B 92 -6.95 22.94 17.11
CA SER B 92 -6.22 21.66 17.16
C SER B 92 -4.79 21.90 17.66
N LEU B 93 -4.14 20.83 18.09
CA LEU B 93 -2.71 20.88 18.45
C LEU B 93 -1.89 21.35 17.26
N TYR B 94 -2.21 20.96 16.06
CA TYR B 94 -1.53 21.43 14.85
C TYR B 94 -1.59 22.96 14.80
N ASP B 95 -2.77 23.53 14.99
CA ASP B 95 -2.93 25.01 14.98
C ASP B 95 -2.08 25.61 16.10
N TYR B 96 -2.15 25.06 17.30
CA TYR B 96 -1.55 25.60 18.52
C TYR B 96 -0.04 25.66 18.36
N LEU B 97 0.57 24.59 17.89
CA LEU B 97 2.03 24.49 17.78
C LEU B 97 2.59 25.43 16.75
N GLN B 98 1.81 25.97 15.86
CA GLN B 98 2.34 26.92 14.85
C GLN B 98 2.65 28.25 15.57
N LEU B 99 1.93 28.52 16.65
CA LEU B 99 1.63 29.89 17.19
C LEU B 99 2.38 30.08 18.50
N THR B 100 2.93 29.01 19.08
CA THR B 100 3.30 28.94 20.50
CA THR B 100 3.48 29.13 20.44
C THR B 100 4.54 28.06 20.65
N THR B 101 5.43 28.46 21.53
CA THR B 101 6.44 27.55 22.05
C THR B 101 6.00 27.07 23.43
N LEU B 102 6.63 26.03 23.88
CA LEU B 102 6.29 25.35 25.14
C LEU B 102 7.43 25.38 26.14
N ASP B 103 7.09 25.42 27.42
CA ASP B 103 8.07 25.08 28.45
C ASP B 103 7.93 23.61 28.81
N THR B 104 8.78 23.12 29.69
CA THR B 104 8.82 21.71 30.06
C THR B 104 7.45 21.29 30.56
N VAL B 105 6.86 22.02 31.51
CA VAL B 105 5.60 21.65 32.16
C VAL B 105 4.51 21.58 31.10
N SER B 106 4.41 22.51 30.18
N SER B 106 4.42 22.51 30.15
CA SER B 106 3.33 22.52 29.19
CA SER B 106 3.31 22.58 29.16
C SER B 106 3.55 21.37 28.21
C SER B 106 3.53 21.57 28.03
N CYS B 107 4.77 21.15 27.78
CA CYS B 107 5.06 20.07 26.81
C CYS B 107 4.66 18.74 27.44
N LEU B 108 5.05 18.46 28.65
CA LEU B 108 4.71 17.19 29.32
C LEU B 108 3.21 17.09 29.57
N ARG B 109 2.53 18.14 29.94
CA ARG B 109 1.08 18.12 30.16
C ARG B 109 0.38 17.72 28.87
N ILE B 110 0.80 18.28 27.76
CA ILE B 110 0.15 18.03 26.47
C ILE B 110 0.38 16.55 26.13
N VAL B 111 1.62 16.08 26.16
CA VAL B 111 1.86 14.70 25.63
C VAL B 111 1.33 13.65 26.60
N LEU B 112 1.38 13.88 27.93
CA LEU B 112 0.76 12.94 28.88
C LEU B 112 -0.75 12.91 28.66
N SER B 113 -1.37 14.03 28.36
CA SER B 113 -2.84 14.03 28.17
C SER B 113 -3.19 13.17 26.93
N ILE B 114 -2.38 13.27 25.89
CA ILE B 114 -2.66 12.47 24.68
C ILE B 114 -2.45 11.00 25.00
N ALA B 115 -1.39 10.69 25.71
CA ALA B 115 -1.12 9.30 26.10
C ALA B 115 -2.27 8.76 26.94
N SER B 116 -2.81 9.59 27.83
N SER B 116 -2.80 9.61 27.80
CA SER B 116 -3.92 9.15 28.71
CA SER B 116 -3.89 9.22 28.71
C SER B 116 -5.17 8.89 27.87
C SER B 116 -5.15 8.90 27.88
N GLY B 117 -5.47 9.75 26.91
CA GLY B 117 -6.60 9.47 26.00
C GLY B 117 -6.36 8.22 25.19
N LEU B 118 -5.15 8.02 24.71
CA LEU B 118 -4.89 6.85 23.84
C LEU B 118 -4.95 5.57 24.65
N ALA B 119 -4.39 5.56 25.84
CA ALA B 119 -4.46 4.37 26.72
C ALA B 119 -5.91 4.10 27.07
N HIS B 120 -6.71 5.12 27.33
CA HIS B 120 -8.14 4.95 27.55
C HIS B 120 -8.81 4.27 26.35
N LEU B 121 -8.51 4.72 25.16
CA LEU B 121 -9.05 4.05 23.95
C LEU B 121 -8.59 2.61 23.94
N HIS B 122 -7.29 2.35 24.04
CA HIS B 122 -6.74 1.01 23.77
C HIS B 122 -7.21 0.00 24.81
N ILE B 123 -7.47 0.41 26.06
CA ILE B 123 -7.72 -0.57 27.16
C ILE B 123 -9.21 -0.84 27.25
N GLU B 124 -9.59 -2.12 27.22
CA GLU B 124 -10.99 -2.56 27.39
C GLU B 124 -11.44 -2.31 28.85
N ILE B 125 -12.67 -1.85 29.02
CA ILE B 125 -13.37 -1.76 30.36
C ILE B 125 -14.49 -2.82 30.32
N PHE B 126 -14.54 -3.69 31.32
CA PHE B 126 -15.59 -4.76 31.43
C PHE B 126 -16.78 -4.29 32.26
N GLY B 130 -19.76 -1.24 29.59
CA GLY B 130 -18.29 -1.27 29.49
C GLY B 130 -17.82 -0.51 28.27
N LYS B 131 -16.58 -0.75 27.82
CA LYS B 131 -16.08 -0.10 26.57
C LYS B 131 -15.13 -1.12 25.98
N PRO B 132 -15.33 -1.44 24.71
CA PRO B 132 -14.38 -2.30 24.03
C PRO B 132 -12.99 -1.63 23.98
N ALA B 133 -11.96 -2.42 23.76
CA ALA B 133 -10.65 -1.88 23.30
C ALA B 133 -10.89 -1.22 21.94
N ILE B 134 -10.25 -0.06 21.74
CA ILE B 134 -10.48 0.75 20.52
C ILE B 134 -9.11 1.19 20.02
N ALA B 135 -8.86 0.98 18.74
CA ALA B 135 -7.72 1.59 18.03
C ALA B 135 -8.26 2.68 17.12
N HIS B 136 -7.58 3.81 17.10
CA HIS B 136 -8.03 5.04 16.44
C HIS B 136 -7.85 4.99 14.90
N ARG B 137 -6.61 4.73 14.49
CA ARG B 137 -6.18 4.54 13.08
C ARG B 137 -5.98 5.84 12.34
N ASP B 138 -6.22 6.98 12.91
CA ASP B 138 -5.89 8.26 12.22
C ASP B 138 -5.43 9.29 13.24
N LEU B 139 -4.53 8.91 14.12
CA LEU B 139 -4.01 9.85 15.12
C LEU B 139 -3.05 10.81 14.43
N LYS B 140 -3.21 12.11 14.68
CA LYS B 140 -2.33 13.14 14.12
C LYS B 140 -2.65 14.44 14.85
N SER B 141 -1.81 15.46 14.69
CA SER B 141 -1.97 16.69 15.48
C SER B 141 -3.25 17.45 15.08
N LYS B 142 -3.79 17.28 13.87
CA LYS B 142 -5.06 17.94 13.50
C LYS B 142 -6.26 17.24 14.15
N ASN B 143 -6.06 16.02 14.63
CA ASN B 143 -7.13 15.24 15.28
C ASN B 143 -6.98 15.23 16.79
N ILE B 144 -6.25 16.20 17.32
CA ILE B 144 -6.12 16.46 18.76
C ILE B 144 -6.51 17.92 18.99
N LEU B 145 -7.37 18.13 19.96
CA LEU B 145 -7.82 19.48 20.31
C LEU B 145 -7.18 19.93 21.61
N VAL B 146 -6.87 21.24 21.64
CA VAL B 146 -6.25 21.83 22.87
C VAL B 146 -7.35 22.47 23.72
N LYS B 147 -7.30 22.18 25.00
CA LYS B 147 -8.29 22.65 25.98
C LYS B 147 -7.64 23.72 26.87
N LYS B 148 -8.52 24.51 27.51
CA LYS B 148 -8.03 25.71 28.25
C LYS B 148 -7.29 25.28 29.49
N ASN B 149 -7.44 24.06 29.97
CA ASN B 149 -6.60 23.53 31.07
C ASN B 149 -5.21 23.00 30.65
N GLY B 150 -4.81 23.11 29.39
CA GLY B 150 -3.45 22.74 28.96
C GLY B 150 -3.34 21.27 28.59
N GLN B 151 -4.41 20.56 28.81
CA GLN B 151 -4.53 19.20 28.26
C GLN B 151 -5.25 19.22 26.91
N CYS B 152 -5.15 18.07 26.26
CA CYS B 152 -5.70 17.84 24.94
C CYS B 152 -6.74 16.74 24.95
N CYS B 153 -7.53 16.68 23.88
CA CYS B 153 -8.42 15.55 23.69
C CYS B 153 -8.32 15.05 22.27
N ILE B 154 -8.49 13.74 22.14
CA ILE B 154 -8.41 13.06 20.83
C ILE B 154 -9.77 13.05 20.14
N ALA B 155 -9.78 13.34 18.86
CA ALA B 155 -11.00 13.46 18.06
C ALA B 155 -10.90 12.60 16.82
N ASP B 156 -12.06 12.36 16.23
CA ASP B 156 -12.28 11.71 14.94
C ASP B 156 -12.15 10.21 15.09
N LEU B 157 -13.26 9.54 15.41
CA LEU B 157 -13.28 8.09 15.60
C LEU B 157 -13.87 7.39 14.39
N GLY B 158 -13.88 8.03 13.24
CA GLY B 158 -14.49 7.44 12.02
C GLY B 158 -13.75 6.28 11.43
N LEU B 159 -12.51 6.03 11.79
CA LEU B 159 -11.74 4.91 11.24
C LEU B 159 -11.50 3.89 12.35
N ALA B 160 -12.12 4.03 13.53
CA ALA B 160 -11.75 3.19 14.70
C ALA B 160 -12.09 1.71 14.46
N VAL B 161 -11.32 0.89 15.13
CA VAL B 161 -11.53 -0.59 15.21
C VAL B 161 -11.80 -0.91 16.67
N MET B 162 -12.75 -1.82 16.88
CA MET B 162 -13.11 -2.22 18.26
C MET B 162 -12.81 -3.70 18.47
N HIS B 163 -12.44 -4.06 19.67
CA HIS B 163 -12.17 -5.47 20.01
C HIS B 163 -12.63 -5.75 21.42
N SER B 164 -13.21 -6.93 21.62
CA SER B 164 -13.50 -7.37 23.00
C SER B 164 -12.82 -8.70 23.27
N GLN B 165 -11.94 -8.74 24.29
CA GLN B 165 -11.20 -9.95 24.69
C GLN B 165 -12.22 -10.93 25.27
N SER B 166 -13.25 -10.44 25.90
CA SER B 166 -14.20 -11.27 26.68
C SER B 166 -14.96 -12.19 25.71
N THR B 167 -15.29 -11.71 24.51
CA THR B 167 -16.12 -12.45 23.52
C THR B 167 -15.32 -12.83 22.29
N ASN B 168 -14.05 -12.46 22.26
CA ASN B 168 -13.16 -12.76 21.11
C ASN B 168 -13.79 -12.18 19.84
N GLN B 169 -14.17 -10.92 19.87
CA GLN B 169 -14.80 -10.27 18.70
C GLN B 169 -13.95 -9.06 18.26
N LEU B 170 -13.69 -9.02 16.96
CA LEU B 170 -12.97 -7.91 16.33
C LEU B 170 -13.91 -7.26 15.32
N ASP B 171 -14.09 -5.96 15.47
CA ASP B 171 -15.00 -5.21 14.57
C ASP B 171 -14.15 -4.18 13.83
N VAL B 172 -13.77 -4.45 12.59
CA VAL B 172 -12.91 -3.54 11.77
C VAL B 172 -13.76 -2.56 10.98
N GLY B 173 -15.06 -2.69 11.02
CA GLY B 173 -15.95 -1.79 10.28
C GLY B 173 -15.85 -2.03 8.80
N ASN B 174 -16.35 -1.05 8.05
CA ASN B 174 -16.68 -1.21 6.63
C ASN B 174 -16.20 -0.02 5.78
N ASN B 175 -15.17 0.69 6.21
CA ASN B 175 -14.87 2.05 5.71
C ASN B 175 -13.69 1.96 4.78
N PRO B 176 -13.79 2.43 3.52
CA PRO B 176 -12.67 2.42 2.57
C PRO B 176 -11.64 3.51 2.84
N ARG B 177 -11.97 4.45 3.72
CA ARG B 177 -11.03 5.49 4.17
C ARG B 177 -9.81 4.82 4.72
N VAL B 178 -8.64 5.47 4.47
CA VAL B 178 -7.40 5.09 5.11
C VAL B 178 -6.85 6.30 5.89
N GLY B 179 -5.89 5.98 6.73
CA GLY B 179 -5.30 7.01 7.57
C GLY B 179 -4.61 8.10 6.78
N THR B 180 -4.33 9.16 7.46
CA THR B 180 -3.56 10.28 6.88
C THR B 180 -2.21 9.76 6.43
N LYS B 181 -1.84 10.02 5.17
CA LYS B 181 -0.65 9.31 4.62
C LYS B 181 0.63 9.64 5.39
N ARG B 182 0.81 10.89 5.77
CA ARG B 182 2.04 11.30 6.42
C ARG B 182 2.29 10.53 7.72
N TYR B 183 1.24 10.08 8.40
CA TYR B 183 1.36 9.43 9.72
C TYR B 183 1.27 7.91 9.66
N MET B 184 1.20 7.34 8.45
CA MET B 184 1.00 5.88 8.30
C MET B 184 2.26 5.12 8.70
N ALA B 185 2.11 4.06 9.50
CA ALA B 185 3.20 3.19 9.89
C ALA B 185 3.77 2.43 8.70
N PRO B 186 4.98 1.88 8.83
CA PRO B 186 5.58 1.11 7.71
C PRO B 186 4.65 0.01 7.19
N GLU B 187 4.05 -0.74 8.09
CA GLU B 187 3.22 -1.92 7.74
C GLU B 187 1.93 -1.47 7.11
N VAL B 188 1.47 -0.22 7.31
CA VAL B 188 0.33 0.31 6.57
C VAL B 188 0.80 0.67 5.15
N LEU B 189 1.93 1.34 5.04
CA LEU B 189 2.43 1.84 3.75
C LEU B 189 2.87 0.65 2.89
N ASP B 190 3.35 -0.42 3.45
CA ASP B 190 3.77 -1.58 2.61
C ASP B 190 2.64 -2.60 2.55
N GLU B 191 1.52 -2.33 3.23
CA GLU B 191 0.27 -3.13 3.16
C GLU B 191 0.53 -4.55 3.66
N THR B 192 1.49 -4.79 4.52
CA THR B 192 1.69 -6.10 5.14
C THR B 192 0.99 -6.23 6.49
N ILE B 193 0.45 -5.14 7.04
CA ILE B 193 -0.30 -5.18 8.31
C ILE B 193 -1.24 -6.37 8.32
N GLN B 194 -1.30 -7.00 9.49
CA GLN B 194 -2.12 -8.19 9.74
C GLN B 194 -3.53 -7.70 10.07
N VAL B 195 -4.43 -7.69 9.11
CA VAL B 195 -5.72 -6.96 9.25
C VAL B 195 -6.70 -7.64 10.23
N ASP B 196 -6.46 -8.90 10.58
CA ASP B 196 -7.42 -9.60 11.47
C ASP B 196 -6.84 -9.69 12.87
N CYS B 197 -5.83 -8.86 13.19
CA CYS B 197 -5.14 -8.84 14.49
CA CYS B 197 -5.18 -8.85 14.55
C CYS B 197 -5.37 -7.49 15.18
N PHE B 198 -6.12 -7.42 16.26
CA PHE B 198 -6.38 -6.11 16.91
C PHE B 198 -5.07 -5.45 17.32
N ASP B 199 -4.10 -6.15 17.85
CA ASP B 199 -2.85 -5.52 18.29
C ASP B 199 -2.21 -4.79 17.12
N SER B 200 -2.35 -5.27 15.90
CA SER B 200 -1.76 -4.56 14.74
C SER B 200 -2.23 -3.11 14.74
N TYR B 201 -3.51 -2.86 14.97
CA TYR B 201 -4.08 -1.50 14.87
C TYR B 201 -3.56 -0.66 16.04
N LYS B 202 -3.46 -1.23 17.24
CA LYS B 202 -2.90 -0.45 18.37
C LYS B 202 -1.49 0.01 18.01
N ARG B 203 -0.71 -0.86 17.37
CA ARG B 203 0.69 -0.58 17.07
C ARG B 203 0.79 0.51 15.98
N VAL B 204 -0.19 0.62 15.12
CA VAL B 204 -0.25 1.72 14.14
C VAL B 204 -0.48 3.03 14.88
N ASP B 205 -1.32 3.05 15.90
CA ASP B 205 -1.55 4.25 16.72
C ASP B 205 -0.27 4.64 17.44
N ILE B 206 0.51 3.69 17.91
CA ILE B 206 1.74 4.02 18.64
C ILE B 206 2.74 4.71 17.73
N TRP B 207 2.88 4.22 16.49
CA TRP B 207 3.75 4.87 15.50
C TRP B 207 3.32 6.31 15.36
N ALA B 208 2.02 6.54 15.12
CA ALA B 208 1.54 7.90 14.88
C ALA B 208 1.73 8.74 16.14
N PHE B 209 1.53 8.17 17.32
CA PHE B 209 1.73 8.98 18.54
CA PHE B 209 1.76 8.90 18.59
C PHE B 209 3.20 9.37 18.63
N GLY B 210 4.14 8.52 18.27
CA GLY B 210 5.56 8.93 18.23
C GLY B 210 5.78 10.13 17.37
N LEU B 211 5.15 10.16 16.22
CA LEU B 211 5.25 11.34 15.34
C LEU B 211 4.68 12.58 15.99
N VAL B 212 3.54 12.49 16.66
CA VAL B 212 2.94 13.63 17.37
C VAL B 212 3.87 14.05 18.51
N LEU B 213 4.47 13.12 19.24
N LEU B 213 4.49 13.13 19.21
CA LEU B 213 5.45 13.48 20.30
CA LEU B 213 5.40 13.50 20.31
C LEU B 213 6.53 14.34 19.67
C LEU B 213 6.63 14.22 19.76
N TRP B 214 7.09 13.91 18.56
CA TRP B 214 8.17 14.64 17.87
C TRP B 214 7.67 16.03 17.52
N GLU B 215 6.47 16.17 16.97
CA GLU B 215 5.95 17.49 16.55
C GLU B 215 5.91 18.44 17.76
N VAL B 216 5.46 17.93 18.89
CA VAL B 216 5.31 18.74 20.13
C VAL B 216 6.70 19.08 20.67
N ALA B 217 7.57 18.09 20.80
CA ALA B 217 8.88 18.28 21.45
C ALA B 217 9.69 19.32 20.72
N ARG B 218 9.62 19.40 19.41
CA ARG B 218 10.29 20.45 18.62
C ARG B 218 9.97 21.82 19.12
N ARG B 219 8.76 22.04 19.62
CA ARG B 219 8.29 23.35 20.07
C ARG B 219 8.61 23.60 21.54
N MET B 220 9.24 22.70 22.24
CA MET B 220 9.60 22.92 23.67
C MET B 220 10.98 23.59 23.70
N VAL B 221 11.08 24.76 24.32
CA VAL B 221 12.37 25.50 24.38
C VAL B 221 13.32 24.81 25.37
N SER B 222 14.57 24.72 24.95
CA SER B 222 15.66 24.36 25.88
C SER B 222 16.87 25.20 25.55
N ASN B 223 17.50 25.75 26.61
CA ASN B 223 18.76 26.50 26.45
C ASN B 223 18.61 27.60 25.38
N GLY B 224 17.43 28.23 25.35
CA GLY B 224 17.15 29.35 24.44
C GLY B 224 16.93 28.92 23.00
N ILE B 225 16.79 27.63 22.72
CA ILE B 225 16.68 27.12 21.33
C ILE B 225 15.31 26.41 21.21
N VAL B 226 14.70 26.58 20.05
CA VAL B 226 13.47 25.83 19.72
C VAL B 226 13.50 25.59 18.23
N GLU B 227 12.85 24.54 17.75
CA GLU B 227 12.65 24.35 16.30
C GLU B 227 11.34 25.00 15.84
N ASP B 228 11.31 25.41 14.58
CA ASP B 228 10.06 25.82 13.94
C ASP B 228 9.14 24.60 13.86
N TYR B 229 7.85 24.87 13.85
CA TYR B 229 6.84 23.82 13.59
C TYR B 229 7.13 23.23 12.21
N LYS B 230 7.17 21.92 12.17
CA LYS B 230 7.16 21.18 10.89
C LYS B 230 6.34 19.92 11.11
N PRO B 231 5.63 19.48 10.06
CA PRO B 231 4.97 18.19 10.11
C PRO B 231 5.98 17.07 9.93
N PRO B 232 5.63 15.84 10.34
CA PRO B 232 6.52 14.72 10.18
C PRO B 232 6.90 14.53 8.70
N PHE B 233 8.19 14.30 8.49
CA PHE B 233 8.81 14.00 7.16
C PHE B 233 8.76 15.23 6.25
N TYR B 234 8.63 16.43 6.77
CA TYR B 234 8.56 17.67 5.96
C TYR B 234 9.77 17.75 5.02
N ASP B 235 10.92 17.29 5.43
CA ASP B 235 12.21 17.49 4.72
C ASP B 235 12.41 16.51 3.58
N VAL B 236 11.65 15.41 3.53
CA VAL B 236 12.03 14.24 2.70
C VAL B 236 10.95 13.89 1.71
N VAL B 237 9.75 14.45 1.79
CA VAL B 237 8.65 14.16 0.83
C VAL B 237 8.18 15.43 0.19
N PRO B 238 7.55 15.33 -0.99
CA PRO B 238 6.88 16.46 -1.60
C PRO B 238 5.79 17.03 -0.70
N ASN B 239 5.42 18.28 -1.01
CA ASN B 239 4.15 18.80 -0.45
C ASN B 239 2.99 17.89 -0.86
N ASP B 240 2.04 17.76 0.00
CA ASP B 240 0.85 16.98 -0.27
C ASP B 240 1.31 15.57 -0.68
N PRO B 241 2.10 14.88 0.18
CA PRO B 241 2.68 13.59 -0.19
C PRO B 241 1.65 12.51 -0.47
N SER B 242 1.94 11.75 -1.51
CA SER B 242 1.13 10.58 -1.89
C SER B 242 1.47 9.39 -0.97
N PHE B 243 0.61 8.38 -1.04
CA PHE B 243 0.86 7.08 -0.41
C PHE B 243 2.24 6.57 -0.79
N GLU B 244 2.54 6.56 -2.11
CA GLU B 244 3.83 6.04 -2.57
C GLU B 244 4.99 6.93 -2.12
N ASP B 245 4.81 8.26 -2.04
CA ASP B 245 5.85 9.16 -1.51
C ASP B 245 6.23 8.69 -0.11
N MET B 246 5.21 8.46 0.72
CA MET B 246 5.46 8.05 2.12
C MET B 246 6.08 6.67 2.22
N ARG B 247 5.56 5.75 1.41
CA ARG B 247 6.16 4.40 1.37
C ARG B 247 7.66 4.49 1.04
N LYS B 248 8.00 5.37 0.09
CA LYS B 248 9.44 5.51 -0.28
C LYS B 248 10.27 5.85 0.94
N VAL B 249 9.87 6.91 1.66
CA VAL B 249 10.77 7.39 2.73
C VAL B 249 10.73 6.45 3.95
N VAL B 250 9.54 5.95 4.30
CA VAL B 250 9.41 5.13 5.53
C VAL B 250 9.87 3.72 5.30
N CYS B 251 9.45 3.10 4.19
CA CYS B 251 9.71 1.67 3.95
C CYS B 251 11.02 1.44 3.16
N VAL B 252 11.20 2.17 2.07
CA VAL B 252 12.40 1.94 1.20
C VAL B 252 13.58 2.59 1.89
N ASP B 253 13.48 3.86 2.27
CA ASP B 253 14.63 4.65 2.78
C ASP B 253 14.80 4.44 4.28
N GLN B 254 13.85 3.78 4.94
CA GLN B 254 13.89 3.51 6.41
C GLN B 254 14.05 4.80 7.20
N GLN B 255 13.44 5.88 6.77
CA GLN B 255 13.62 7.19 7.44
C GLN B 255 12.72 7.24 8.68
N ARG B 256 13.25 7.94 9.67
CA ARG B 256 12.50 8.35 10.88
C ARG B 256 12.74 9.82 11.05
N PRO B 257 11.87 10.55 11.76
CA PRO B 257 12.15 11.95 12.03
C PRO B 257 13.49 12.12 12.77
N ASN B 258 14.22 13.15 12.33
CA ASN B 258 15.53 13.38 12.96
C ASN B 258 15.35 14.05 14.32
N ILE B 259 16.23 13.69 15.20
CA ILE B 259 16.29 14.25 16.57
C ILE B 259 17.28 15.41 16.55
N PRO B 260 16.85 16.66 16.75
CA PRO B 260 17.77 17.79 16.81
C PRO B 260 18.80 17.50 17.92
N ASN B 261 20.07 17.76 17.64
CA ASN B 261 21.09 17.45 18.64
C ASN B 261 20.95 18.34 19.88
N ARG B 262 20.34 19.52 19.78
CA ARG B 262 20.15 20.36 21.00
C ARG B 262 19.29 19.63 22.04
N TRP B 263 18.46 18.65 21.66
CA TRP B 263 17.64 17.93 22.65
C TRP B 263 18.50 17.22 23.68
N PHE B 264 19.68 16.78 23.29
CA PHE B 264 20.48 15.88 24.15
C PHE B 264 21.12 16.66 25.30
N SER B 265 21.03 18.00 25.27
CA SER B 265 21.48 18.84 26.40
C SER B 265 20.41 18.88 27.49
N ASP B 266 19.15 18.57 27.18
CA ASP B 266 18.00 18.73 28.11
C ASP B 266 17.49 17.39 28.57
N PRO B 267 17.34 17.10 29.88
CA PRO B 267 16.98 15.76 30.30
C PRO B 267 15.57 15.38 29.81
N THR B 268 14.66 16.32 29.75
CA THR B 268 13.27 16.05 29.36
C THR B 268 13.25 15.65 27.88
N LEU B 269 13.87 16.43 27.04
CA LEU B 269 13.88 16.13 25.60
C LEU B 269 14.71 14.89 25.33
N THR B 270 15.75 14.61 26.08
CA THR B 270 16.49 13.33 25.93
C THR B 270 15.55 12.17 26.23
N SER B 271 14.75 12.24 27.29
CA SER B 271 13.79 11.16 27.62
C SER B 271 12.72 11.08 26.55
N LEU B 272 12.24 12.19 26.01
CA LEU B 272 11.20 12.14 24.99
C LEU B 272 11.76 11.53 23.70
N ALA B 273 13.00 11.85 23.34
CA ALA B 273 13.63 11.28 22.13
C ALA B 273 13.68 9.76 22.29
N LYS B 274 14.02 9.27 23.48
CA LYS B 274 14.09 7.83 23.73
C LYS B 274 12.71 7.23 23.56
N LEU B 275 11.68 7.87 24.05
CA LEU B 275 10.31 7.37 23.97
C LEU B 275 9.87 7.36 22.51
N MET B 276 10.11 8.40 21.75
CA MET B 276 9.55 8.39 20.39
C MET B 276 10.33 7.35 19.57
N LYS B 277 11.62 7.07 19.82
CA LYS B 277 12.31 6.00 19.07
C LYS B 277 11.69 4.65 19.40
N GLU B 278 11.13 4.44 20.58
CA GLU B 278 10.51 3.15 20.95
C GLU B 278 9.08 3.06 20.41
N CYS B 279 8.57 4.11 19.76
CA CYS B 279 7.31 4.09 18.98
C CYS B 279 7.57 3.77 17.52
N TRP B 280 8.79 3.78 17.07
CA TRP B 280 9.17 3.82 15.64
C TRP B 280 9.89 2.57 15.16
N TYR B 281 9.98 1.55 15.97
CA TYR B 281 10.59 0.30 15.48
C TYR B 281 9.86 -0.18 14.24
N GLN B 282 10.58 -0.67 13.20
CA GLN B 282 9.89 -1.30 12.04
C GLN B 282 9.13 -2.55 12.53
N ASN B 283 9.64 -3.33 13.47
CA ASN B 283 8.90 -4.48 14.04
C ASN B 283 7.76 -3.93 14.91
N PRO B 284 6.49 -4.05 14.47
CA PRO B 284 5.40 -3.45 15.28
C PRO B 284 5.37 -3.95 16.71
N SER B 285 5.68 -5.23 16.94
N SER B 285 5.71 -5.23 16.91
CA SER B 285 5.58 -5.84 18.30
CA SER B 285 5.66 -5.90 18.23
C SER B 285 6.68 -5.34 19.24
C SER B 285 6.69 -5.34 19.23
N ALA B 286 7.73 -4.69 18.73
CA ALA B 286 8.80 -4.08 19.53
C ALA B 286 8.32 -2.77 20.15
N ARG B 287 7.28 -2.15 19.55
CA ARG B 287 6.88 -0.79 19.99
C ARG B 287 6.29 -0.82 21.40
N LEU B 288 6.43 0.29 22.11
CA LEU B 288 5.81 0.43 23.45
C LEU B 288 4.30 0.37 23.36
N THR B 289 3.64 0.03 24.44
CA THR B 289 2.17 0.13 24.57
C THR B 289 1.81 1.54 25.02
N ALA B 290 0.55 1.92 24.79
CA ALA B 290 0.06 3.22 25.23
C ALA B 290 0.16 3.33 26.74
N LEU B 291 -0.16 2.24 27.44
CA LEU B 291 -0.06 2.27 28.93
C LEU B 291 1.38 2.52 29.37
N ARG B 292 2.35 1.91 28.73
CA ARG B 292 3.77 2.07 29.10
C ARG B 292 4.18 3.51 28.78
N ILE B 293 3.72 4.08 27.66
CA ILE B 293 4.04 5.48 27.36
C ILE B 293 3.47 6.38 28.44
N LYS B 294 2.21 6.18 28.81
CA LYS B 294 1.57 7.01 29.85
C LYS B 294 2.37 6.92 31.16
N LYS B 295 2.79 5.70 31.51
CA LYS B 295 3.54 5.52 32.79
C LYS B 295 4.88 6.22 32.69
N THR B 296 5.56 6.12 31.56
CA THR B 296 6.88 6.78 31.38
C THR B 296 6.74 8.30 31.44
N LEU B 297 5.73 8.85 30.80
CA LEU B 297 5.50 10.32 30.81
C LEU B 297 5.06 10.79 32.19
N THR B 298 4.41 9.94 32.98
CA THR B 298 4.03 10.28 34.36
C THR B 298 5.30 10.48 35.17
N LYS B 299 6.35 9.72 34.89
CA LYS B 299 7.62 9.74 35.67
C LYS B 299 8.61 10.80 35.17
N ILE B 300 8.56 11.22 33.90
CA ILE B 300 9.50 12.22 33.29
C ILE B 300 9.14 13.59 33.86
N ASP B 301 10.14 14.42 34.16
CA ASP B 301 9.90 15.87 34.47
C ASP B 301 10.94 16.70 33.71
C10 LU8 C . 8.46 -4.36 -27.81
C13 LU8 C . 11.44 -6.45 -29.00
C15 LU8 C . 13.40 -5.96 -30.33
C17 LU8 C . 14.93 -5.09 -32.21
C20 LU8 C . 15.87 -5.99 -30.05
C21 LU8 C . 14.56 -5.39 -29.53
C22 LU8 C . 11.64 -4.24 -29.83
C24 LU8 C . 7.26 -5.09 -27.63
C26 LU8 C . 4.84 -6.41 -26.05
C01 LU8 C . 1.27 -3.69 -28.16
C03 LU8 C . 2.53 -5.35 -26.92
C04 LU8 C . 3.73 -4.65 -27.13
C05 LU8 C . 4.90 -5.19 -26.70
C06 LU8 C . 6.20 -4.52 -26.92
C07 LU8 C . 6.31 -3.22 -26.48
C09 LU8 C . 8.48 -3.07 -27.26
C11 LU8 C . 9.75 -4.85 -28.50
C12 LU8 C . 10.20 -6.12 -28.36
C14 LU8 C . 12.09 -5.52 -29.71
C16 LU8 C . 13.52 -5.57 -31.80
C19 LU8 C . 16.25 -7.15 -32.18
C23 LU8 C . 10.41 -3.87 -29.21
C25 LU8 C . 7.07 -6.48 -28.22
C27 LU8 C . 3.66 -7.08 -25.82
C29 LU8 C . 4.76 -8.92 -24.68
C30 LU8 C . 2.48 -6.58 -26.28
C32 LU8 C . 0.49 -6.76 -25.10
N08 LU8 C . 7.44 -2.50 -26.62
N18 LU8 C . 16.01 -5.84 -31.52
O02 LU8 C . 1.29 -4.87 -27.36
O28 LU8 C . 3.55 -8.27 -25.12
O31 LU8 C . 1.30 -7.25 -26.11
C1 EDO D . 4.25 2.44 -18.29
O1 EDO D . 4.52 3.79 -18.78
C2 EDO D . 5.06 1.49 -19.06
O2 EDO D . 4.79 1.44 -20.44
C1 EDO E . 15.23 -29.42 -11.45
O1 EDO E . 16.29 -30.06 -12.24
C2 EDO E . 14.15 -28.84 -12.30
O2 EDO E . 14.57 -27.88 -13.37
C1 EDO F . 0.01 -39.25 -11.15
O1 EDO F . 0.35 -39.86 -9.90
C2 EDO F . 0.17 -40.14 -12.32
O2 EDO F . 1.15 -39.72 -13.26
C1 EDO G . 13.67 -26.73 -23.12
O1 EDO G . 13.10 -27.09 -21.85
C2 EDO G . 15.14 -26.73 -23.21
O2 EDO G . 15.74 -28.00 -23.00
S DMS H . 3.19 9.75 -22.19
O DMS H . 1.74 9.82 -22.70
C1 DMS H . 3.63 11.38 -21.69
C2 DMS H . 3.17 8.94 -20.60
O1 TLA I . -11.02 -1.99 -46.69
O11 TLA I . -9.10 -1.17 -47.45
C1 TLA I . -9.91 -2.10 -47.24
C2 TLA I . -9.49 -3.50 -47.71
O2 TLA I . -10.15 -3.84 -48.91
C3 TLA I . -9.77 -4.54 -46.63
O3 TLA I . -10.87 -5.34 -47.03
C4 TLA I . -8.53 -5.41 -46.38
O4 TLA I . -7.47 -4.82 -46.06
O41 TLA I . -8.67 -6.65 -46.46
C10 LU8 J . -7.72 12.52 -29.92
C13 LU8 J . -9.19 13.30 -26.62
C15 LU8 J . -11.04 14.70 -25.77
C17 LU8 J . -11.54 16.72 -24.34
C20 LU8 J . -13.29 15.11 -24.82
C21 LU8 J . -12.50 14.55 -26.02
C22 LU8 J . -10.40 14.52 -28.26
C24 LU8 J . -7.63 11.13 -30.15
C26 LU8 J . -7.99 8.66 -32.11
C01 LU8 J . -3.38 6.86 -31.25
C03 LU8 J . -5.62 7.19 -32.15
C04 LU8 J . -5.58 8.47 -31.67
C05 LU8 J . -6.77 9.22 -31.63
C06 LU8 J . -6.89 10.66 -31.19
C07 LU8 J . -6.26 11.58 -32.07
C09 LU8 J . -7.05 13.35 -30.81
C11 LU8 J . -8.53 13.11 -28.88
C12 LU8 J . -8.38 12.77 -27.57
C14 LU8 J . -10.22 14.20 -26.93
C16 LU8 J . -10.76 16.17 -25.56
C19 LU8 J . -13.80 17.03 -23.45
C23 LU8 J . -9.58 13.97 -29.26
C25 LU8 J . -8.28 10.18 -29.21
C27 LU8 J . -8.02 7.33 -32.56
C29 LU8 J . -10.39 7.36 -32.91
C30 LU8 J . -6.83 6.66 -32.61
C32 LU8 J . -6.72 4.29 -32.27
N08 LU8 J . -6.34 12.90 -31.85
N18 LU8 J . -12.98 16.53 -24.58
O02 LU8 J . -4.46 6.45 -32.17
O28 LU8 J . -9.14 6.68 -33.07
O31 LU8 J . -6.82 5.39 -33.15
C10 LU8 K . -6.18 14.93 -25.75
C13 LU8 K . -7.89 17.10 -23.16
C15 LU8 K . -9.27 16.42 -21.04
C17 LU8 K . -9.40 18.23 -19.24
C20 LU8 K . -11.28 16.73 -19.55
C21 LU8 K . -10.79 16.56 -20.99
C22 LU8 K . -8.35 14.79 -22.61
C24 LU8 K . -5.20 13.90 -25.73
C26 LU8 K . -3.93 11.09 -26.86
C01 LU8 K . 0.51 13.20 -26.58
C03 LU8 K . -1.28 11.67 -26.68
C04 LU8 K . -2.16 12.71 -26.79
C05 LU8 K . -3.50 12.43 -26.86
C06 LU8 K . -4.52 13.55 -26.87
C07 LU8 K . -4.82 14.19 -28.08
C09 LU8 K . -6.40 15.50 -27.01
C11 LU8 K . -6.95 15.36 -24.58
C12 LU8 K . -7.13 16.75 -24.28
C14 LU8 K . -8.53 16.15 -22.32
C16 LU8 K . -8.51 17.52 -20.28
C19 LU8 K . -10.92 17.91 -17.43
C23 LU8 K . -7.60 14.43 -23.73
C25 LU8 K . -4.81 13.21 -24.43
C27 LU8 K . -3.03 10.09 -26.80
C29 LU8 K . -4.74 8.39 -26.88
C30 LU8 K . -1.70 10.37 -26.69
C32 LU8 K . -0.21 8.70 -27.62
N08 LU8 K . -5.75 15.16 -28.09
N18 LU8 K . -10.26 17.24 -18.59
O02 LU8 K . 0.07 11.82 -26.62
O28 LU8 K . -3.35 8.75 -26.76
O31 LU8 K . -0.84 9.34 -26.51
N2 LGA L . -3.42 2.80 -39.44
C1 LGA L . -4.37 2.86 -38.36
N1 LGA L . -5.33 1.94 -38.32
C4 LGA L . -6.19 1.98 -37.34
C5 LGA L . -6.07 2.96 -36.36
C3 LGA L . -5.04 3.88 -36.41
N7 LGA L . -4.21 3.81 -37.46
S SO4 M . 11.56 3.55 -22.24
O1 SO4 M . 10.26 3.86 -21.75
O2 SO4 M . 12.52 3.88 -21.25
O3 SO4 M . 11.62 2.14 -22.53
O4 SO4 M . 11.85 4.25 -23.46
S SO4 N . 25.91 -26.49 -9.01
O1 SO4 N . 25.59 -26.31 -7.61
O2 SO4 N . 26.93 -25.58 -9.35
O3 SO4 N . 24.72 -26.33 -9.78
O4 SO4 N . 26.41 -27.85 -9.25
S SO4 O . 8.29 -23.17 -24.63
O1 SO4 O . 7.98 -23.00 -23.21
O2 SO4 O . 9.37 -24.14 -24.80
O3 SO4 O . 8.73 -21.89 -25.17
O4 SO4 O . 7.11 -23.66 -25.31
C1 EDO P . -4.83 2.60 -11.36
O1 EDO P . -3.85 1.91 -12.09
C2 EDO P . -6.19 2.07 -11.40
O2 EDO P . -7.10 3.09 -11.71
C1 EDO Q . -15.83 16.64 -29.30
O1 EDO Q . -15.49 18.00 -29.45
C2 EDO Q . -14.73 15.85 -28.71
O2 EDO Q . -13.65 15.64 -29.61
C1 EDO R . 32.51 -19.13 -3.98
O1 EDO R . 32.91 -18.43 -2.82
C2 EDO R . 31.41 -18.50 -4.78
O2 EDO R . 31.55 -18.69 -6.15
C1 EDO S . 4.59 -17.32 -29.92
O1 EDO S . 5.57 -17.89 -30.75
C2 EDO S . 3.35 -18.12 -29.85
O2 EDO S . 2.24 -17.31 -29.53
C1 EDO T . 23.71 -25.78 -17.78
O1 EDO T . 22.99 -26.77 -17.05
C2 EDO T . 23.28 -24.37 -17.54
O2 EDO T . 23.29 -23.96 -16.17
C10 LU8 U . -12.36 22.91 16.55
C13 LU8 U . -11.13 26.35 15.67
C15 LU8 U . -9.27 27.28 14.40
C17 LU8 U . -6.96 28.12 13.77
C20 LU8 U . -8.84 28.55 12.23
C21 LU8 U . -9.69 27.51 12.97
C22 LU8 U . -9.60 24.74 14.70
C24 LU8 U . -12.70 21.70 15.86
C26 LU8 U . -12.74 18.55 15.44
C01 LU8 U . -17.76 18.10 15.56
C03 LU8 U . -15.39 17.75 15.25
C04 LU8 U . -15.08 18.97 15.84
C05 LU8 U . -13.79 19.36 15.95
C06 LU8 U . -13.44 20.72 16.59
C07 LU8 U . -13.89 20.96 17.88
C09 LU8 U . -12.82 23.01 17.84
C11 LU8 U . -11.52 23.99 15.92
C12 LU8 U . -11.91 25.30 16.19
C14 LU8 U . -10.03 26.07 14.90
C16 LU8 U . -7.77 27.05 14.50
C19 LU8 U . -6.94 29.90 12.17
C23 LU8 U . -10.36 23.71 15.19
C25 LU8 U . -12.30 21.47 14.43
C27 LU8 U . -13.07 17.34 14.91
C29 LU8 U . -10.79 16.90 14.36
C30 LU8 U . -14.36 16.95 14.79
C32 LU8 U . -14.84 14.66 15.03
N08 LU8 U . -13.54 22.14 18.51
N18 LU8 U . -7.81 29.11 13.08
O02 LU8 U . -16.68 17.27 15.14
O28 LU8 U . -12.14 16.49 14.40
O31 LU8 U . -14.67 15.74 14.15
S SO4 V . -12.29 24.20 26.69
O1 SO4 V . -13.07 25.38 26.49
O2 SO4 V . -11.42 24.33 27.83
O3 SO4 V . -13.14 23.03 26.87
O4 SO4 V . -11.49 24.02 25.50
C1 EDO W . 14.51 12.08 8.25
O1 EDO W . 15.20 13.08 7.35
C2 EDO W . 13.06 12.05 8.02
O2 EDO W . 12.32 13.32 8.18
S DMS X . 5.48 -0.22 36.54
O DMS X . 5.61 1.07 35.76
C1 DMS X . 4.08 -1.08 35.91
C2 DMS X . 6.75 -1.33 35.92
N2 LGA Y . -24.69 23.13 23.96
C1 LGA Y . -25.24 21.84 24.35
N1 LGA Y . -26.41 21.45 23.85
C4 LGA Y . -26.91 20.26 24.20
C5 LGA Y . -26.18 19.49 25.09
C3 LGA Y . -24.95 19.93 25.58
N7 LGA Y . -24.51 21.13 25.19
S SO4 Z . -4.39 12.60 3.32
O1 SO4 Z . -4.46 13.81 4.12
O2 SO4 Z . -3.30 11.86 3.76
O3 SO4 Z . -5.61 11.81 3.49
O4 SO4 Z . -4.20 12.95 1.91
C1 EDO AA . -12.96 16.16 26.40
O1 EDO AA . -13.82 15.15 27.09
C2 EDO AA . -13.65 17.34 25.93
O2 EDO AA . -14.32 17.52 24.82
C1 EDO BA . 13.04 -2.89 13.65
O1 EDO BA . 12.37 -3.27 14.85
C2 EDO BA . 14.21 -1.99 13.88
O2 EDO BA . 13.85 -0.63 13.95
C1 EDO CA . 12.20 31.41 22.93
O1 EDO CA . 13.18 31.01 23.90
C2 EDO CA . 12.61 31.01 21.56
O2 EDO CA . 13.97 30.56 21.49
#